data_6RCT
#
_entry.id   6RCT
#
_cell.length_a   61.788
_cell.length_b   123.329
_cell.length_c   69.589
_cell.angle_alpha   90.000
_cell.angle_beta   92.640
_cell.angle_gamma   90.000
#
_symmetry.space_group_name_H-M   'P 1 21 1'
#
loop_
_entity.id
_entity.type
_entity.pdbx_description
1 polymer 'Dual specificity protein kinase CLK3'
2 non-polymer 4-[2-methyl-1-(4-methylpiperazin-1-yl)-1-oxidanylidene-propan-2-yl]-~{N}-(6-pyridin-4-ylimidazo[1,2-a]pyridin-2-yl)benzamide
3 non-polymer 1,2-ETHANEDIOL
4 water water
#
_entity_poly.entity_id   1
_entity_poly.type   'polypeptide(L)'
_entity_poly.pdbx_seq_one_letter_code
;SMQSSKRSSRSVEDDKEGHLVCRIGDWLQERYEIVGNLGEGTFGKVVECLDHARGKSQVALKIIRNVGKYREAARLEINV
LKKIKEKDKENKFLCVLMSDWFNFHGHMCIAFELLGKNTFEFLKENNFQPYPLPHVRHMAYQLCHALRFLHENQLTHTDL
KPENILFVNSEFETLYNEHKSCEEKSVKNTSIRVADFGSATFDHEHHTTIVATRHYRPPEVILELGWAQPCDVWSIGCIL
FEYYRGFTLFQTHENREHLVMMEKILGPIPSHMIHRTRKQKYFYKGGLVWDENSSDGRYVKENCKPLKSYMLQDSLEHVQ
LFDLMRRMLEFDPAQRITLAEALLHPFFAGLTPEERSFHT
;
_entity_poly.pdbx_strand_id   A,B
#
loop_
_chem_comp.id
_chem_comp.type
_chem_comp.name
_chem_comp.formula
EDO non-polymer 1,2-ETHANEDIOL 'C2 H6 O2'
JWN non-polymer 4-[2-methyl-1-(4-methylpiperazin-1-yl)-1-oxidanylidene-propan-2-yl]-~{N}-(6-pyridin-4-ylimidazo[1,2-a]pyridin-2-yl)benzamide 'C28 H30 N6 O2'
#
# COMPACT_ATOMS: atom_id res chain seq x y z
N SER A 11 -39.81 3.95 33.53
CA SER A 11 -39.69 5.45 33.47
C SER A 11 -38.34 5.90 32.82
N VAL A 12 -37.92 5.13 31.81
CA VAL A 12 -36.65 5.37 31.07
C VAL A 12 -36.92 5.19 29.56
N GLU A 13 -36.50 6.16 28.74
CA GLU A 13 -36.86 6.16 27.32
C GLU A 13 -35.73 6.64 26.42
N ASP A 14 -35.83 6.27 25.15
CA ASP A 14 -34.77 6.44 24.16
C ASP A 14 -35.23 7.28 22.96
N ASP A 15 -34.25 7.73 22.19
CA ASP A 15 -34.44 8.38 20.89
C ASP A 15 -34.84 7.30 19.87
N LYS A 16 -35.08 7.69 18.62
CA LYS A 16 -35.34 6.70 17.54
C LYS A 16 -34.02 6.01 17.18
N GLU A 17 -32.95 6.81 17.13
CA GLU A 17 -31.58 6.29 17.20
C GLU A 17 -31.35 5.94 18.67
N GLY A 18 -30.14 5.66 19.06
CA GLY A 18 -29.91 5.12 20.40
C GLY A 18 -30.20 5.99 21.61
N HIS A 19 -30.13 7.31 21.48
CA HIS A 19 -29.84 8.21 22.63
C HIS A 19 -30.77 8.08 23.82
N LEU A 20 -30.22 8.17 25.03
CA LEU A 20 -31.02 8.28 26.25
C LEU A 20 -31.61 9.69 26.34
N VAL A 21 -32.92 9.76 26.53
CA VAL A 21 -33.61 11.02 26.85
C VAL A 21 -33.33 11.31 28.31
N CYS A 22 -32.77 12.48 28.60
CA CYS A 22 -32.56 12.91 29.98
C CYS A 22 -32.41 14.43 30.08
N ARG A 23 -32.87 14.98 31.20
CA ARG A 23 -32.80 16.42 31.43
C ARG A 23 -32.04 16.73 32.71
N ILE A 24 -31.74 18.02 32.89
CA ILE A 24 -31.03 18.49 34.07
C ILE A 24 -31.81 18.09 35.32
N GLY A 25 -31.13 17.54 36.32
CA GLY A 25 -31.77 17.05 37.54
C GLY A 25 -31.98 15.54 37.62
N ASP A 26 -32.01 14.86 36.46
CA ASP A 26 -32.13 13.37 36.43
C ASP A 26 -31.00 12.66 37.18
N TRP A 27 -31.31 11.49 37.71
CA TRP A 27 -30.38 10.70 38.50
C TRP A 27 -30.05 9.39 37.77
N LEU A 28 -28.88 8.83 38.09
CA LEU A 28 -28.39 7.58 37.51
C LEU A 28 -27.59 6.81 38.55
N GLN A 29 -27.94 5.54 38.75
CA GLN A 29 -27.28 4.68 39.75
C GLN A 29 -27.37 5.25 41.16
N GLU A 30 -28.52 5.86 41.48
CA GLU A 30 -28.74 6.53 42.77
C GLU A 30 -27.50 7.36 43.21
N ARG A 31 -26.86 8.05 42.28
CA ARG A 31 -25.48 8.54 42.48
C ARG A 31 -25.13 9.80 41.67
N TYR A 32 -25.35 9.74 40.36
CA TYR A 32 -24.93 10.79 39.45
C TYR A 32 -26.10 11.68 39.10
N GLU A 33 -26.07 12.94 39.56
CA GLU A 33 -27.10 13.92 39.21
C GLU A 33 -26.62 14.73 38.01
N ILE A 34 -27.40 14.73 36.94
CA ILE A 34 -27.10 15.55 35.76
C ILE A 34 -27.32 17.03 36.08
N VAL A 35 -26.30 17.87 35.83
CA VAL A 35 -26.41 19.33 36.03
C VAL A 35 -26.11 20.16 34.77
N GLY A 36 -25.78 19.52 33.66
CA GLY A 36 -25.43 20.24 32.44
C GLY A 36 -25.16 19.34 31.26
N ASN A 37 -25.29 19.88 30.05
CA ASN A 37 -24.99 19.15 28.86
C ASN A 37 -23.66 19.67 28.29
N LEU A 38 -22.73 18.75 28.03
CA LEU A 38 -21.37 19.12 27.61
C LEU A 38 -21.09 18.91 26.14
N GLY A 39 -21.77 17.99 25.50
CA GLY A 39 -21.45 17.67 24.12
C GLY A 39 -22.11 16.42 23.59
N GLU A 40 -22.00 16.24 22.29
CA GLU A 40 -22.68 15.19 21.58
C GLU A 40 -21.68 14.66 20.56
N GLY A 41 -21.66 13.35 20.38
CA GLY A 41 -20.84 12.74 19.38
C GLY A 41 -21.66 11.74 18.65
N THR A 42 -21.07 11.21 17.61
CA THR A 42 -21.55 10.01 16.97
C THR A 42 -21.86 8.85 17.98
N PHE A 43 -21.04 8.75 19.03
CA PHE A 43 -21.21 7.70 20.06
C PHE A 43 -22.46 7.84 20.91
N GLY A 44 -22.90 9.07 21.12
CA GLY A 44 -23.92 9.34 22.12
C GLY A 44 -23.81 10.77 22.64
N LYS A 45 -23.61 10.90 23.94
CA LYS A 45 -23.87 12.15 24.67
C LYS A 45 -22.84 12.30 25.77
N VAL A 46 -22.43 13.52 26.08
CA VAL A 46 -21.65 13.76 27.31
C VAL A 46 -22.32 14.81 28.15
N VAL A 47 -22.46 14.53 29.45
CA VAL A 47 -23.22 15.40 30.38
C VAL A 47 -22.42 15.66 31.66
N GLU A 48 -22.55 16.87 32.22
CA GLU A 48 -21.93 17.17 33.52
C GLU A 48 -22.76 16.59 34.63
N CYS A 49 -22.10 15.98 35.59
CA CYS A 49 -22.78 15.35 36.70
C CYS A 49 -22.09 15.66 38.00
N LEU A 50 -22.87 15.54 39.08
CA LEU A 50 -22.36 15.63 40.42
C LEU A 50 -22.41 14.23 41.00
N ASP A 51 -21.27 13.80 41.55
CA ASP A 51 -21.10 12.46 42.10
C ASP A 51 -21.37 12.46 43.61
N HIS A 52 -22.59 12.08 43.99
CA HIS A 52 -23.02 12.06 45.40
C HIS A 52 -22.48 10.85 46.22
N ALA A 53 -21.39 10.21 45.74
CA ALA A 53 -20.59 9.28 46.57
C ALA A 53 -19.22 9.87 46.96
N ARG A 54 -18.69 10.76 46.11
CA ARG A 54 -17.39 11.39 46.35
C ARG A 54 -17.58 12.90 46.61
N GLY A 55 -18.69 13.26 47.26
CA GLY A 55 -18.88 14.60 47.83
C GLY A 55 -19.19 15.66 46.80
N LYS A 56 -20.28 15.46 46.06
CA LYS A 56 -20.72 16.38 45.00
C LYS A 56 -19.65 16.71 43.93
N SER A 57 -18.66 15.85 43.78
CA SER A 57 -17.54 16.09 42.88
C SER A 57 -18.01 16.08 41.43
N GLN A 58 -17.45 16.97 40.62
CA GLN A 58 -17.86 17.09 39.22
C GLN A 58 -17.31 15.91 38.38
N VAL A 59 -18.10 15.53 37.39
CA VAL A 59 -17.83 14.39 36.57
C VAL A 59 -18.37 14.64 35.18
N ALA A 60 -17.58 14.32 34.17
CA ALA A 60 -18.07 14.27 32.80
C ALA A 60 -18.56 12.86 32.55
N LEU A 61 -19.83 12.72 32.18
CA LEU A 61 -20.46 11.41 32.05
C LEU A 61 -20.78 11.19 30.62
N LYS A 62 -20.15 10.16 30.04
CA LYS A 62 -20.32 9.84 28.66
C LYS A 62 -21.40 8.79 28.62
N ILE A 63 -22.48 9.09 27.90
CA ILE A 63 -23.63 8.22 27.85
C ILE A 63 -23.78 7.74 26.43
N ILE A 64 -23.64 6.42 26.26
CA ILE A 64 -23.49 5.81 24.94
C ILE A 64 -24.86 5.36 24.47
N ARG A 65 -25.07 5.44 23.16
CA ARG A 65 -26.30 5.00 22.53
C ARG A 65 -26.60 3.52 22.79
N ASN A 66 -27.88 3.23 22.93
CA ASN A 66 -28.39 1.89 23.10
C ASN A 66 -28.43 1.22 21.73
N VAL A 67 -27.25 0.99 21.16
CA VAL A 67 -27.09 0.38 19.82
C VAL A 67 -25.84 -0.49 19.88
N GLY A 68 -25.88 -1.66 19.23
CA GLY A 68 -24.81 -2.68 19.33
C GLY A 68 -23.42 -2.14 19.03
N LYS A 69 -23.25 -1.64 17.80
CA LYS A 69 -21.99 -1.01 17.35
C LYS A 69 -21.35 -0.15 18.46
N TYR A 70 -22.15 0.75 19.03
CA TYR A 70 -21.64 1.74 19.98
C TYR A 70 -21.35 1.16 21.36
N ARG A 71 -22.25 0.32 21.86
CA ARG A 71 -22.03 -0.41 23.10
C ARG A 71 -20.70 -1.19 23.02
N GLU A 72 -20.53 -1.93 21.93
CA GLU A 72 -19.28 -2.63 21.63
C GLU A 72 -18.08 -1.70 21.73
N ALA A 73 -18.12 -0.58 21.02
CA ALA A 73 -17.02 0.40 21.07
C ALA A 73 -16.74 0.92 22.49
N ALA A 74 -17.79 1.16 23.27
CA ALA A 74 -17.62 1.64 24.63
C ALA A 74 -17.00 0.57 25.55
N ARG A 75 -17.36 -0.69 25.33
CA ARG A 75 -16.77 -1.78 26.09
CA ARG A 75 -16.77 -1.79 26.09
C ARG A 75 -15.28 -1.82 25.78
N LEU A 76 -14.95 -1.65 24.50
CA LEU A 76 -13.57 -1.61 24.07
C LEU A 76 -12.83 -0.41 24.70
N GLU A 77 -13.52 0.73 24.80
CA GLU A 77 -12.94 1.93 25.42
C GLU A 77 -12.65 1.68 26.88
N ILE A 78 -13.63 1.12 27.60
CA ILE A 78 -13.48 0.82 29.05
C ILE A 78 -12.25 -0.07 29.26
N ASN A 79 -12.13 -1.09 28.42
CA ASN A 79 -10.99 -1.99 28.39
C ASN A 79 -9.67 -1.25 28.23
N VAL A 80 -9.60 -0.36 27.25
CA VAL A 80 -8.37 0.40 27.03
C VAL A 80 -8.03 1.31 28.23
N LEU A 81 -9.06 1.96 28.77
CA LEU A 81 -8.85 2.88 29.89
C LEU A 81 -8.40 2.10 31.11
N LYS A 82 -8.98 0.91 31.28
CA LYS A 82 -8.53 -0.04 32.33
C LYS A 82 -7.03 -0.34 32.20
N LYS A 83 -6.61 -0.67 30.99
CA LYS A 83 -5.22 -0.98 30.69
C LYS A 83 -4.27 0.18 30.91
N ILE A 84 -4.65 1.38 30.44
CA ILE A 84 -3.87 2.60 30.68
C ILE A 84 -3.73 2.85 32.17
N LYS A 85 -4.81 2.67 32.92
CA LYS A 85 -4.81 2.95 34.36
C LYS A 85 -3.87 1.97 35.10
N GLU A 86 -3.88 0.69 34.70
CA GLU A 86 -2.94 -0.29 35.20
C GLU A 86 -1.48 0.14 34.99
N LYS A 87 -1.17 0.63 33.78
CA LYS A 87 0.23 0.98 33.40
C LYS A 87 0.67 2.43 33.68
N ASP A 88 -0.25 3.24 34.24
CA ASP A 88 0.00 4.65 34.55
C ASP A 88 -0.83 4.99 35.77
N LYS A 89 -0.46 4.39 36.91
CA LYS A 89 -1.21 4.59 38.18
C LYS A 89 -1.01 6.01 38.71
N GLU A 90 0.22 6.45 38.61
CA GLU A 90 0.63 7.86 38.79
C GLU A 90 -0.08 8.91 37.86
N ASN A 91 -0.69 8.45 36.77
CA ASN A 91 -1.38 9.31 35.78
C ASN A 91 -0.45 10.40 35.20
N LYS A 92 0.73 9.99 34.77
CA LYS A 92 1.73 10.89 34.27
C LYS A 92 1.62 11.09 32.76
N PHE A 93 0.82 10.28 32.07
CA PHE A 93 0.82 10.27 30.59
C PHE A 93 -0.43 10.90 29.90
N LEU A 94 -1.15 11.73 30.67
CA LEU A 94 -2.06 12.74 30.16
C LEU A 94 -3.25 12.21 29.43
N CYS A 95 -3.68 11.00 29.78
CA CYS A 95 -4.91 10.45 29.26
C CYS A 95 -6.03 10.77 30.22
N VAL A 96 -7.20 11.05 29.68
CA VAL A 96 -8.33 11.43 30.50
C VAL A 96 -8.65 10.31 31.50
N LEU A 97 -8.90 10.70 32.74
CA LEU A 97 -9.01 9.76 33.84
C LEU A 97 -10.42 9.20 33.97
N MET A 98 -10.59 7.91 33.70
CA MET A 98 -11.84 7.19 34.00
C MET A 98 -11.97 6.94 35.50
N SER A 99 -13.09 7.33 36.08
CA SER A 99 -13.36 7.12 37.52
C SER A 99 -14.38 6.01 37.80
N ASP A 100 -15.33 5.79 36.88
CA ASP A 100 -16.33 4.73 37.03
C ASP A 100 -16.89 4.36 35.66
N TRP A 101 -17.48 3.17 35.56
CA TRP A 101 -18.29 2.83 34.39
C TRP A 101 -19.48 1.97 34.82
N PHE A 102 -20.54 1.96 34.02
CA PHE A 102 -21.67 1.09 34.32
C PHE A 102 -22.57 0.91 33.12
N ASN A 103 -23.45 -0.07 33.21
CA ASN A 103 -24.54 -0.25 32.26
C ASN A 103 -25.82 0.30 32.89
N PHE A 104 -26.45 1.22 32.17
CA PHE A 104 -27.72 1.80 32.58
C PHE A 104 -28.73 1.60 31.44
N HIS A 105 -29.54 0.54 31.58
CA HIS A 105 -30.59 0.20 30.61
C HIS A 105 -30.05 0.05 29.16
N GLY A 106 -28.89 -0.59 29.01
CA GLY A 106 -28.25 -0.76 27.70
C GLY A 106 -27.33 0.39 27.24
N HIS A 107 -27.38 1.51 27.94
CA HIS A 107 -26.42 2.60 27.71
C HIS A 107 -25.21 2.36 28.59
N MET A 108 -24.08 2.02 27.98
CA MET A 108 -22.79 2.08 28.69
C MET A 108 -22.58 3.53 29.11
N CYS A 109 -22.16 3.74 30.34
CA CYS A 109 -21.83 5.06 30.81
C CYS A 109 -20.43 5.02 31.37
N ILE A 110 -19.64 6.04 31.06
CA ILE A 110 -18.29 6.12 31.59
C ILE A 110 -18.10 7.50 32.21
N ALA A 111 -17.63 7.51 33.45
CA ALA A 111 -17.44 8.74 34.16
C ALA A 111 -15.99 9.11 34.10
N PHE A 112 -15.74 10.37 33.80
CA PHE A 112 -14.41 10.90 33.68
C PHE A 112 -14.24 12.11 34.57
N GLU A 113 -12.98 12.43 34.91
CA GLU A 113 -12.63 13.74 35.50
C GLU A 113 -13.19 14.84 34.59
N LEU A 114 -13.78 15.87 35.18
CA LEU A 114 -14.24 17.03 34.40
C LEU A 114 -13.10 17.91 34.00
N LEU A 115 -12.97 18.15 32.71
CA LEU A 115 -11.94 19.01 32.16
C LEU A 115 -12.63 20.19 31.51
N GLY A 116 -11.85 21.03 30.83
CA GLY A 116 -12.38 22.19 30.12
C GLY A 116 -12.83 21.89 28.71
N LYS A 117 -12.80 22.92 27.85
CA LYS A 117 -13.21 22.75 26.47
C LYS A 117 -12.15 21.97 25.71
N ASN A 118 -12.57 21.26 24.68
CA ASN A 118 -11.65 20.66 23.78
C ASN A 118 -11.03 21.71 22.85
N THR A 119 -9.91 21.38 22.25
CA THR A 119 -9.11 22.35 21.54
C THR A 119 -9.76 22.78 20.23
N PHE A 120 -10.71 21.99 19.72
CA PHE A 120 -11.49 22.44 18.55
C PHE A 120 -12.46 23.59 18.95
N GLU A 121 -13.25 23.35 20.01
CA GLU A 121 -14.20 24.31 20.51
C GLU A 121 -13.56 25.62 20.97
N PHE A 122 -12.37 25.54 21.52
CA PHE A 122 -11.65 26.75 21.92
C PHE A 122 -11.32 27.56 20.68
N LEU A 123 -10.80 26.89 19.69
CA LEU A 123 -10.45 27.50 18.43
C LEU A 123 -11.70 28.18 17.77
N LYS A 124 -12.79 27.43 17.73
CA LYS A 124 -14.04 27.93 17.20
C LYS A 124 -14.53 29.18 17.95
N GLU A 125 -14.60 29.10 19.28
CA GLU A 125 -15.04 30.23 20.10
CA GLU A 125 -15.04 30.24 20.11
C GLU A 125 -14.06 31.42 19.96
N ASN A 126 -12.84 31.17 19.46
CA ASN A 126 -11.86 32.22 19.16
C ASN A 126 -11.84 32.63 17.67
N ASN A 127 -12.94 32.42 16.94
CA ASN A 127 -13.02 32.77 15.50
CA ASN A 127 -13.04 32.76 15.50
C ASN A 127 -11.97 32.13 14.63
N PHE A 128 -11.53 30.91 15.01
CA PHE A 128 -10.53 30.14 14.28
C PHE A 128 -9.22 30.87 14.10
N GLN A 129 -8.90 31.70 15.07
CA GLN A 129 -7.63 32.38 15.10
C GLN A 129 -6.71 31.45 15.86
N PRO A 130 -5.51 31.23 15.31
CA PRO A 130 -4.73 30.13 15.76
C PRO A 130 -4.12 30.34 17.10
N TYR A 131 -3.69 29.22 17.68
CA TYR A 131 -2.97 29.28 18.92
C TYR A 131 -1.60 29.83 18.58
N PRO A 132 -1.02 30.58 19.53
CA PRO A 132 0.33 31.08 19.26
C PRO A 132 1.36 29.97 19.41
N LEU A 133 2.52 30.18 18.82
CA LEU A 133 3.50 29.16 18.68
C LEU A 133 3.88 28.49 20.01
N PRO A 134 4.10 29.30 21.09
CA PRO A 134 4.43 28.67 22.37
C PRO A 134 3.38 27.73 22.87
N HIS A 135 2.13 28.03 22.56
CA HIS A 135 1.05 27.13 22.91
C HIS A 135 1.07 25.91 22.00
N VAL A 136 1.41 26.11 20.72
CA VAL A 136 1.43 25.01 19.79
C VAL A 136 2.52 24.02 20.25
N ARG A 137 3.64 24.58 20.75
CA ARG A 137 4.77 23.77 21.12
C ARG A 137 4.45 22.94 22.35
N HIS A 138 3.93 23.59 23.39
CA HIS A 138 3.57 22.89 24.58
C HIS A 138 2.51 21.83 24.31
N MET A 139 1.52 22.15 23.49
CA MET A 139 0.48 21.18 23.17
C MET A 139 1.06 19.99 22.38
N ALA A 140 1.95 20.27 21.44
CA ALA A 140 2.59 19.23 20.63
C ALA A 140 3.45 18.28 21.49
N TYR A 141 4.13 18.84 22.47
CA TYR A 141 4.93 18.10 23.38
C TYR A 141 4.09 17.11 24.17
N GLN A 142 2.98 17.59 24.72
CA GLN A 142 2.12 16.75 25.52
C GLN A 142 1.48 15.68 24.68
N LEU A 143 1.18 15.99 23.42
CA LEU A 143 0.60 15.01 22.50
C LEU A 143 1.60 13.94 22.22
N CYS A 144 2.81 14.35 21.87
CA CYS A 144 3.89 13.39 21.65
C CYS A 144 4.13 12.49 22.89
N HIS A 145 4.24 13.10 24.06
CA HIS A 145 4.42 12.40 25.35
C HIS A 145 3.30 11.41 25.62
N ALA A 146 2.06 11.83 25.46
CA ALA A 146 0.94 10.95 25.78
C ALA A 146 0.87 9.78 24.81
N LEU A 147 1.00 10.06 23.53
CA LEU A 147 0.88 9.02 22.54
C LEU A 147 2.13 8.10 22.47
N ARG A 148 3.33 8.56 22.83
CA ARG A 148 4.48 7.66 22.87
CA ARG A 148 4.48 7.66 22.87
C ARG A 148 4.18 6.56 23.88
N PHE A 149 3.64 6.95 25.02
CA PHE A 149 3.30 6.02 26.04
C PHE A 149 2.33 4.97 25.50
N LEU A 150 1.26 5.35 24.83
CA LEU A 150 0.34 4.32 24.35
C LEU A 150 1.00 3.47 23.30
N HIS A 151 1.82 4.11 22.47
CA HIS A 151 2.56 3.39 21.42
C HIS A 151 3.55 2.34 21.92
N GLU A 152 4.14 2.55 23.10
CA GLU A 152 5.08 1.58 23.67
C GLU A 152 4.35 0.49 24.41
N ASN A 153 3.06 0.71 24.66
CA ASN A 153 2.16 -0.30 25.21
C ASN A 153 1.23 -0.91 24.16
N GLN A 154 1.77 -1.11 22.96
CA GLN A 154 1.13 -1.88 21.88
C GLN A 154 -0.26 -1.30 21.45
N LEU A 155 -0.40 0.01 21.49
CA LEU A 155 -1.70 0.64 21.33
C LEU A 155 -1.66 1.75 20.29
N THR A 156 -2.71 1.85 19.48
CA THR A 156 -2.84 2.94 18.48
C THR A 156 -4.22 3.60 18.70
N HIS A 157 -4.25 4.92 18.90
CA HIS A 157 -5.52 5.63 19.18
C HIS A 157 -6.42 5.57 17.95
N THR A 158 -5.83 5.91 16.80
CA THR A 158 -6.48 5.96 15.47
C THR A 158 -7.44 7.13 15.23
N ASP A 159 -7.98 7.74 16.28
CA ASP A 159 -8.99 8.81 16.09
C ASP A 159 -8.56 10.13 16.74
N LEU A 160 -7.30 10.48 16.57
CA LEU A 160 -6.78 11.68 17.11
C LEU A 160 -7.28 12.82 16.23
N LYS A 161 -7.83 13.82 16.89
CA LYS A 161 -8.32 15.06 16.24
C LYS A 161 -8.51 16.12 17.30
N PRO A 162 -8.58 17.39 16.90
CA PRO A 162 -8.69 18.47 17.88
C PRO A 162 -9.83 18.31 18.88
N GLU A 163 -10.97 17.76 18.46
CA GLU A 163 -12.11 17.55 19.38
CA GLU A 163 -12.11 17.55 19.38
C GLU A 163 -11.79 16.61 20.54
N ASN A 164 -10.83 15.68 20.32
CA ASN A 164 -10.44 14.69 21.35
C ASN A 164 -9.26 15.10 22.20
N ILE A 165 -8.77 16.31 22.02
CA ILE A 165 -7.77 16.85 22.90
C ILE A 165 -8.44 17.93 23.76
N LEU A 166 -8.35 17.84 25.08
CA LEU A 166 -9.09 18.74 25.95
C LEU A 166 -8.14 19.51 26.85
N PHE A 167 -8.35 20.82 26.96
CA PHE A 167 -7.69 21.60 28.01
C PHE A 167 -8.19 21.16 29.37
N VAL A 168 -7.29 21.07 30.33
CA VAL A 168 -7.66 20.77 31.72
C VAL A 168 -8.54 21.89 32.27
N ASN A 169 -8.13 23.12 32.00
CA ASN A 169 -8.89 24.30 32.33
C ASN A 169 -8.77 25.25 31.17
N SER A 170 -9.90 25.57 30.53
CA SER A 170 -9.93 26.46 29.34
C SER A 170 -10.22 27.96 29.59
N GLU A 171 -10.07 28.43 30.83
CA GLU A 171 -10.17 29.86 31.13
C GLU A 171 -9.14 30.64 30.32
N PHE A 172 -9.56 31.79 29.81
CA PHE A 172 -8.75 32.62 28.92
C PHE A 172 -8.66 34.07 29.38
N GLU A 173 -7.73 34.77 28.78
CA GLU A 173 -7.60 36.21 28.94
C GLU A 173 -7.79 36.78 27.55
N THR A 174 -8.41 37.96 27.48
CA THR A 174 -8.80 38.55 26.21
C THR A 174 -7.81 39.65 25.83
N LEU A 175 -7.20 39.51 24.66
CA LEU A 175 -6.14 40.42 24.20
C LEU A 175 -6.62 41.15 22.96
N TYR A 176 -5.86 42.16 22.56
CA TYR A 176 -6.14 42.88 21.32
C TYR A 176 -4.95 42.77 20.35
N ASN A 177 -5.19 42.13 19.22
CA ASN A 177 -4.19 42.03 18.16
C ASN A 177 -4.12 43.36 17.38
N GLU A 178 -2.94 43.99 17.41
CA GLU A 178 -2.70 45.24 16.66
C GLU A 178 -2.78 45.04 15.16
N HIS A 179 -1.93 44.15 14.63
CA HIS A 179 -1.89 43.82 13.20
C HIS A 179 -3.31 43.56 12.68
N LYS A 180 -4.03 42.64 13.34
CA LYS A 180 -5.32 42.14 12.85
C LYS A 180 -6.56 43.01 13.20
N SER A 181 -6.36 44.06 14.00
CA SER A 181 -7.43 44.97 14.47
C SER A 181 -8.65 44.26 15.09
N CYS A 182 -8.41 43.38 16.06
CA CYS A 182 -9.49 42.60 16.70
C CYS A 182 -9.05 41.98 18.04
N GLU A 183 -10.02 41.41 18.77
CA GLU A 183 -9.74 40.66 20.01
C GLU A 183 -9.26 39.20 19.76
N GLU A 184 -8.48 38.65 20.69
CA GLU A 184 -8.00 37.25 20.64
C GLU A 184 -8.05 36.61 22.01
N LYS A 185 -8.65 35.43 22.08
CA LYS A 185 -8.64 34.70 23.33
C LYS A 185 -7.34 33.86 23.42
N SER A 186 -6.69 33.92 24.56
CA SER A 186 -5.43 33.23 24.76
C SER A 186 -5.58 32.42 26.05
N VAL A 187 -5.50 31.09 25.93
CA VAL A 187 -5.81 30.22 27.06
C VAL A 187 -4.72 30.40 28.13
N LYS A 188 -5.12 30.37 29.40
CA LYS A 188 -4.18 30.72 30.51
C LYS A 188 -3.23 29.57 30.84
N ASN A 189 -3.72 28.35 30.70
CA ASN A 189 -2.94 27.16 30.93
C ASN A 189 -3.13 26.19 29.77
N THR A 190 -2.03 25.84 29.09
CA THR A 190 -2.09 24.94 27.93
C THR A 190 -1.99 23.44 28.27
N SER A 191 -2.12 23.06 29.53
CA SER A 191 -2.17 21.63 29.89
C SER A 191 -3.36 20.95 29.24
N ILE A 192 -3.12 19.80 28.63
CA ILE A 192 -4.17 19.06 27.95
C ILE A 192 -4.27 17.60 28.37
N ARG A 193 -5.36 16.96 27.98
CA ARG A 193 -5.52 15.54 28.12
C ARG A 193 -6.03 14.96 26.83
N VAL A 194 -5.72 13.68 26.59
CA VAL A 194 -6.20 12.94 25.42
C VAL A 194 -7.42 12.12 25.79
N ALA A 195 -8.45 12.17 24.95
CA ALA A 195 -9.74 11.56 25.24
C ALA A 195 -10.25 10.71 24.10
N ASP A 196 -11.28 9.93 24.41
CA ASP A 196 -11.99 9.05 23.49
C ASP A 196 -11.12 7.93 22.95
N PHE A 197 -11.20 6.79 23.62
CA PHE A 197 -10.46 5.60 23.24
C PHE A 197 -11.39 4.52 22.68
N GLY A 198 -12.53 4.93 22.15
CA GLY A 198 -13.50 4.04 21.52
C GLY A 198 -13.02 3.43 20.22
N SER A 199 -11.96 3.96 19.63
CA SER A 199 -11.39 3.35 18.43
C SER A 199 -10.01 2.75 18.63
N ALA A 200 -9.46 2.86 19.83
CA ALA A 200 -8.08 2.52 20.07
C ALA A 200 -7.89 1.00 19.96
N THR A 201 -6.80 0.60 19.33
CA THR A 201 -6.59 -0.77 18.88
C THR A 201 -5.21 -1.30 19.31
N PHE A 202 -5.19 -2.52 19.89
CA PHE A 202 -3.95 -3.14 20.31
C PHE A 202 -3.29 -3.81 19.09
N ASP A 203 -1.96 -3.94 19.09
CA ASP A 203 -1.23 -4.61 17.99
C ASP A 203 -1.88 -5.96 17.60
N HIS A 204 -2.24 -6.74 18.61
CA HIS A 204 -2.75 -8.09 18.39
C HIS A 204 -4.21 -8.15 17.96
N GLU A 205 -4.95 -7.06 18.06
CA GLU A 205 -6.37 -7.07 17.61
C GLU A 205 -6.52 -6.92 16.08
N HIS A 206 -7.66 -7.32 15.56
CA HIS A 206 -7.98 -7.06 14.17
C HIS A 206 -7.94 -5.52 13.87
N HIS A 207 -7.30 -5.19 12.75
CA HIS A 207 -7.21 -3.84 12.22
C HIS A 207 -8.17 -3.73 11.03
N THR A 208 -9.22 -2.96 11.20
CA THR A 208 -10.14 -2.62 10.06
C THR A 208 -9.38 -1.95 8.93
N THR A 209 -9.85 -2.14 7.70
CA THR A 209 -9.21 -1.52 6.55
C THR A 209 -9.12 0.01 6.75
N ILE A 210 -10.24 0.62 7.18
CA ILE A 210 -10.33 2.09 7.22
C ILE A 210 -10.54 2.57 8.64
N VAL A 211 -9.67 3.46 9.10
CA VAL A 211 -9.79 4.10 10.43
C VAL A 211 -9.48 5.60 10.29
N ALA A 212 -9.73 6.33 11.38
CA ALA A 212 -9.58 7.79 11.52
C ALA A 212 -10.68 8.54 10.79
N THR A 213 -11.05 9.71 11.28
CA THR A 213 -12.00 10.56 10.50
C THR A 213 -11.19 11.22 9.42
N ARG A 214 -11.84 11.46 8.32
CA ARG A 214 -11.17 11.65 7.09
C ARG A 214 -10.03 12.65 7.12
N HIS A 215 -10.26 13.82 7.75
CA HIS A 215 -9.30 14.91 7.70
C HIS A 215 -7.97 14.57 8.35
N TYR A 216 -7.96 13.60 9.26
CA TYR A 216 -6.78 13.22 10.02
C TYR A 216 -6.22 11.83 9.62
N ARG A 217 -6.68 11.34 8.46
CA ARG A 217 -6.42 9.98 7.99
C ARG A 217 -5.17 9.94 7.10
N PRO A 218 -4.25 9.02 7.39
CA PRO A 218 -3.00 8.93 6.63
C PRO A 218 -3.13 8.24 5.29
N PRO A 219 -2.18 8.48 4.39
CA PRO A 219 -2.22 7.89 3.07
C PRO A 219 -2.14 6.34 3.02
N GLU A 220 -1.44 5.72 3.98
CA GLU A 220 -1.38 4.25 4.04
C GLU A 220 -2.74 3.65 4.27
N VAL A 221 -3.60 4.38 4.99
CA VAL A 221 -4.99 3.93 5.22
C VAL A 221 -5.83 4.02 3.93
N ILE A 222 -5.73 5.13 3.24
CA ILE A 222 -6.51 5.35 2.03
C ILE A 222 -6.12 4.30 1.00
N LEU A 223 -4.82 4.12 0.85
CA LEU A 223 -4.27 3.18 -0.10
C LEU A 223 -4.32 1.68 0.39
N GLU A 224 -4.81 1.47 1.61
CA GLU A 224 -5.11 0.16 2.14
C GLU A 224 -3.81 -0.75 2.17
N LEU A 225 -2.75 -0.15 2.67
CA LEU A 225 -1.51 -0.69 2.87
C LEU A 225 -1.33 -1.25 4.30
N GLY A 226 -2.39 -1.12 5.09
CA GLY A 226 -2.32 -1.46 6.51
C GLY A 226 -1.75 -0.31 7.32
N TRP A 227 -1.97 -0.33 8.61
CA TRP A 227 -1.55 0.73 9.45
C TRP A 227 -1.22 0.23 10.82
N ALA A 228 -0.48 1.04 11.55
CA ALA A 228 -0.30 0.86 12.95
C ALA A 228 -0.01 2.22 13.64
N GLN A 229 0.94 2.29 14.57
CA GLN A 229 1.13 3.50 15.35
C GLN A 229 1.46 4.75 14.49
N PRO A 230 2.16 4.57 13.35
CA PRO A 230 2.43 5.72 12.51
C PRO A 230 1.15 6.50 12.09
N CYS A 231 0.01 5.83 12.04
CA CYS A 231 -1.25 6.50 11.79
C CYS A 231 -1.45 7.69 12.75
N ASP A 232 -1.21 7.49 14.04
CA ASP A 232 -1.38 8.55 15.01
C ASP A 232 -0.42 9.68 14.73
N VAL A 233 0.77 9.36 14.26
CA VAL A 233 1.75 10.40 14.07
C VAL A 233 1.30 11.38 12.95
N TRP A 234 0.72 10.83 11.88
CA TRP A 234 0.19 11.63 10.80
C TRP A 234 -0.95 12.54 11.31
N SER A 235 -1.88 11.95 12.05
CA SER A 235 -2.95 12.70 12.67
C SER A 235 -2.43 13.91 13.48
N ILE A 236 -1.45 13.63 14.32
CA ILE A 236 -0.82 14.65 15.13
C ILE A 236 -0.23 15.77 14.26
N GLY A 237 0.40 15.42 13.15
CA GLY A 237 0.93 16.45 12.26
C GLY A 237 -0.17 17.33 11.70
N CYS A 238 -1.33 16.75 11.35
CA CYS A 238 -2.47 17.53 10.83
C CYS A 238 -3.00 18.43 11.95
N ILE A 239 -3.09 17.90 13.15
CA ILE A 239 -3.51 18.65 14.31
C ILE A 239 -2.59 19.81 14.54
N LEU A 240 -1.29 19.57 14.55
CA LEU A 240 -0.38 20.67 14.84
C LEU A 240 -0.59 21.81 13.84
N PHE A 241 -0.75 21.45 12.57
CA PHE A 241 -0.96 22.41 11.54
C PHE A 241 -2.22 23.25 11.81
N GLU A 242 -3.29 22.55 12.15
CA GLU A 242 -4.55 23.10 12.50
C GLU A 242 -4.50 24.00 13.74
N TYR A 243 -3.68 23.65 14.73
CA TYR A 243 -3.45 24.54 15.84
C TYR A 243 -2.76 25.84 15.38
N TYR A 244 -1.82 25.71 14.46
CA TYR A 244 -0.95 26.85 14.10
C TYR A 244 -1.59 27.85 13.11
N ARG A 245 -2.43 27.36 12.20
CA ARG A 245 -3.15 28.20 11.27
C ARG A 245 -4.59 28.40 11.61
N GLY A 246 -5.17 27.50 12.39
CA GLY A 246 -6.55 27.58 12.80
C GLY A 246 -7.52 26.99 11.81
N PHE A 247 -7.04 26.61 10.62
CA PHE A 247 -7.85 25.83 9.70
C PHE A 247 -7.25 24.44 9.41
N THR A 248 -8.13 23.56 8.97
CA THR A 248 -7.84 22.18 8.74
C THR A 248 -6.93 22.04 7.53
N LEU A 249 -5.91 21.18 7.65
CA LEU A 249 -4.95 20.97 6.57
C LEU A 249 -5.54 20.31 5.33
N PHE A 250 -6.39 19.30 5.51
CA PHE A 250 -6.95 18.52 4.39
C PHE A 250 -8.45 18.64 4.57
N GLN A 251 -9.04 19.70 3.97
CA GLN A 251 -10.45 19.98 4.16
C GLN A 251 -11.15 19.18 3.08
N THR A 252 -11.25 17.87 3.30
CA THR A 252 -11.63 16.96 2.23
C THR A 252 -12.76 16.04 2.57
N HIS A 253 -13.39 15.51 1.54
CA HIS A 253 -14.51 14.62 1.73
C HIS A 253 -14.47 13.38 0.82
N GLU A 254 -13.49 13.24 -0.08
CA GLU A 254 -13.29 11.94 -0.78
C GLU A 254 -11.83 11.61 -1.14
N ASN A 255 -11.55 10.31 -1.32
CA ASN A 255 -10.15 9.78 -1.34
C ASN A 255 -9.24 10.37 -2.38
N ARG A 256 -9.75 10.44 -3.60
CA ARG A 256 -8.97 10.98 -4.73
C ARG A 256 -8.56 12.44 -4.48
N GLU A 257 -9.53 13.25 -4.09
CA GLU A 257 -9.30 14.66 -3.69
C GLU A 257 -8.20 14.69 -2.63
N HIS A 258 -8.41 13.91 -1.58
CA HIS A 258 -7.47 13.85 -0.46
C HIS A 258 -6.03 13.55 -0.92
N LEU A 259 -5.89 12.59 -1.84
CA LEU A 259 -4.57 12.21 -2.35
C LEU A 259 -3.96 13.37 -3.17
N VAL A 260 -4.77 13.98 -4.02
CA VAL A 260 -4.37 15.19 -4.77
C VAL A 260 -3.90 16.29 -3.81
N MET A 261 -4.66 16.53 -2.76
CA MET A 261 -4.26 17.56 -1.78
C MET A 261 -2.93 17.18 -1.13
N MET A 262 -2.75 15.89 -0.81
CA MET A 262 -1.47 15.43 -0.24
C MET A 262 -0.30 15.70 -1.17
N GLU A 263 -0.50 15.52 -2.48
CA GLU A 263 0.53 15.84 -3.44
C GLU A 263 0.76 17.34 -3.59
N LYS A 264 -0.31 18.11 -3.71
CA LYS A 264 -0.17 19.57 -3.86
C LYS A 264 0.54 20.15 -2.64
N ILE A 265 0.28 19.57 -1.46
CA ILE A 265 0.82 20.11 -0.19
C ILE A 265 2.20 19.53 0.18
N LEU A 266 2.42 18.28 -0.13
CA LEU A 266 3.56 17.53 0.39
C LEU A 266 4.50 17.00 -0.71
N GLY A 267 4.07 17.05 -1.96
CA GLY A 267 4.85 16.52 -3.04
C GLY A 267 4.37 15.14 -3.40
N PRO A 268 4.98 14.56 -4.46
CA PRO A 268 4.50 13.28 -5.04
C PRO A 268 4.48 12.14 -4.04
N ILE A 269 3.43 11.32 -4.14
CA ILE A 269 3.34 10.08 -3.38
C ILE A 269 4.50 9.19 -3.82
N PRO A 270 5.31 8.66 -2.86
CA PRO A 270 6.44 7.81 -3.28
C PRO A 270 5.99 6.62 -4.14
N SER A 271 6.72 6.33 -5.21
CA SER A 271 6.32 5.28 -6.17
C SER A 271 6.25 3.84 -5.58
N HIS A 272 6.98 3.54 -4.52
CA HIS A 272 6.85 2.19 -3.91
C HIS A 272 5.45 1.94 -3.29
N MET A 273 4.85 2.98 -2.71
CA MET A 273 3.49 2.88 -2.19
C MET A 273 2.47 2.71 -3.30
N ILE A 274 2.74 3.31 -4.46
CA ILE A 274 1.85 3.21 -5.62
C ILE A 274 1.90 1.81 -6.22
N HIS A 275 3.09 1.22 -6.31
CA HIS A 275 3.21 -0.21 -6.74
C HIS A 275 2.57 -1.20 -5.82
N ARG A 276 2.54 -0.87 -4.53
CA ARG A 276 2.04 -1.80 -3.51
C ARG A 276 0.52 -1.80 -3.36
N THR A 277 -0.12 -0.62 -3.55
CA THR A 277 -1.54 -0.48 -3.26
C THR A 277 -2.35 -1.27 -4.23
N ARG A 278 -3.43 -1.87 -3.74
CA ARG A 278 -4.50 -2.42 -4.61
C ARG A 278 -5.50 -1.32 -5.12
N LYS A 279 -5.26 -0.06 -4.79
CA LYS A 279 -6.17 1.02 -5.24
C LYS A 279 -5.55 1.73 -6.46
N GLN A 280 -5.44 0.95 -7.53
CA GLN A 280 -4.83 1.43 -8.77
C GLN A 280 -5.75 2.34 -9.60
N LYS A 281 -7.06 2.36 -9.32
CA LYS A 281 -8.00 3.34 -9.98
C LYS A 281 -7.60 4.80 -9.77
N TYR A 282 -6.95 5.10 -8.66
CA TYR A 282 -6.40 6.43 -8.42
C TYR A 282 -5.16 6.78 -9.25
N PHE A 283 -4.61 5.86 -10.03
CA PHE A 283 -3.38 6.15 -10.80
C PHE A 283 -3.38 5.67 -12.27
N TYR A 284 -2.39 6.18 -13.02
CA TYR A 284 -2.14 5.83 -14.42
C TYR A 284 -0.68 6.19 -14.72
N LYS A 285 0.13 5.19 -15.16
CA LYS A 285 1.57 5.36 -15.34
C LYS A 285 2.24 6.02 -14.11
N GLY A 286 1.86 5.57 -12.92
CA GLY A 286 2.50 6.07 -11.71
C GLY A 286 2.16 7.48 -11.23
N GLY A 287 1.20 8.13 -11.89
CA GLY A 287 0.74 9.48 -11.47
C GLY A 287 -0.71 9.44 -11.04
N LEU A 288 -1.03 10.23 -10.01
CA LEU A 288 -2.43 10.40 -9.61
C LEU A 288 -3.28 10.88 -10.77
N VAL A 289 -4.49 10.35 -10.90
CA VAL A 289 -5.43 10.80 -11.93
C VAL A 289 -6.62 11.50 -11.28
N TRP A 290 -7.04 12.63 -11.86
CA TRP A 290 -8.12 13.43 -11.23
C TRP A 290 -8.68 14.47 -12.18
N ASP A 291 -9.93 14.84 -11.94
CA ASP A 291 -10.64 15.84 -12.74
C ASP A 291 -10.39 17.27 -12.16
N GLU A 292 -9.58 18.04 -12.89
CA GLU A 292 -9.25 19.40 -12.48
CA GLU A 292 -9.24 19.41 -12.51
C GLU A 292 -10.43 20.38 -12.70
N ASN A 293 -11.41 19.99 -13.53
CA ASN A 293 -12.53 20.85 -13.86
C ASN A 293 -13.75 20.66 -12.95
N SER A 294 -13.82 19.55 -12.22
CA SER A 294 -14.90 19.34 -11.22
C SER A 294 -14.78 20.31 -10.07
N SER A 295 -15.78 20.30 -9.20
CA SER A 295 -15.78 21.18 -8.01
C SER A 295 -14.61 20.86 -7.07
N ASP A 296 -14.43 19.61 -6.76
CA ASP A 296 -13.33 19.22 -5.91
C ASP A 296 -12.02 19.67 -6.55
N GLY A 297 -11.94 19.51 -7.86
CA GLY A 297 -10.73 19.87 -8.61
C GLY A 297 -10.37 21.30 -8.47
N ARG A 298 -11.37 22.14 -8.78
CA ARG A 298 -11.16 23.59 -8.73
C ARG A 298 -10.85 24.08 -7.31
N TYR A 299 -11.55 23.50 -6.33
CA TYR A 299 -11.34 23.79 -4.89
C TYR A 299 -9.89 23.56 -4.44
N VAL A 300 -9.35 22.39 -4.84
CA VAL A 300 -7.99 21.97 -4.48
C VAL A 300 -6.94 22.84 -5.16
N LYS A 301 -7.14 23.10 -6.43
CA LYS A 301 -6.28 24.01 -7.16
C LYS A 301 -6.30 25.45 -6.56
N GLU A 302 -7.48 25.92 -6.15
CA GLU A 302 -7.57 27.27 -5.60
C GLU A 302 -6.97 27.36 -4.18
N ASN A 303 -7.04 26.28 -3.40
CA ASN A 303 -6.88 26.35 -1.95
C ASN A 303 -5.65 25.58 -1.33
N CYS A 304 -5.04 24.64 -2.06
CA CYS A 304 -3.97 23.74 -1.45
C CYS A 304 -2.62 24.10 -2.01
N LYS A 305 -1.71 24.54 -1.16
CA LYS A 305 -0.39 25.00 -1.64
C LYS A 305 0.67 24.24 -0.88
N PRO A 306 1.96 24.41 -1.25
CA PRO A 306 2.95 23.57 -0.56
C PRO A 306 3.14 23.92 0.92
N LEU A 307 3.40 22.90 1.74
CA LEU A 307 3.45 23.01 3.19
C LEU A 307 4.15 24.28 3.69
N LYS A 308 5.35 24.55 3.15
CA LYS A 308 6.15 25.63 3.71
C LYS A 308 5.53 26.98 3.52
N SER A 309 4.71 27.12 2.47
CA SER A 309 4.12 28.41 2.19
C SER A 309 3.12 28.84 3.27
N TYR A 310 2.75 27.96 4.20
CA TYR A 310 1.86 28.35 5.30
C TYR A 310 2.58 28.84 6.57
N MET A 311 3.90 28.92 6.57
CA MET A 311 4.60 29.50 7.72
C MET A 311 4.20 30.97 7.88
N LEU A 312 3.94 31.38 9.12
CA LEU A 312 3.58 32.76 9.46
C LEU A 312 4.79 33.66 9.81
N GLN A 313 5.88 33.06 10.33
CA GLN A 313 7.13 33.81 10.60
C GLN A 313 8.35 33.07 10.03
N ASP A 314 9.48 33.77 9.95
CA ASP A 314 10.76 33.22 9.44
C ASP A 314 11.67 32.70 10.53
N SER A 315 11.35 32.97 11.78
CA SER A 315 12.27 32.69 12.87
C SER A 315 12.51 31.18 13.07
N LEU A 316 13.51 30.86 13.88
CA LEU A 316 14.00 29.48 14.02
C LEU A 316 12.89 28.56 14.50
N GLU A 317 12.31 28.89 15.65
CA GLU A 317 11.22 28.11 16.25
C GLU A 317 10.12 27.75 15.25
N HIS A 318 9.82 28.65 14.31
CA HIS A 318 8.82 28.39 13.25
C HIS A 318 9.37 27.41 12.23
N VAL A 319 10.62 27.59 11.82
CA VAL A 319 11.27 26.68 10.84
C VAL A 319 11.33 25.24 11.41
N GLN A 320 11.58 25.15 12.73
CA GLN A 320 11.65 23.88 13.42
C GLN A 320 10.28 23.22 13.50
N LEU A 321 9.24 24.00 13.76
CA LEU A 321 7.87 23.47 13.78
C LEU A 321 7.53 22.81 12.46
N PHE A 322 7.89 23.50 11.39
CA PHE A 322 7.58 23.00 10.06
C PHE A 322 8.40 21.80 9.67
N ASP A 323 9.64 21.72 10.14
CA ASP A 323 10.46 20.53 9.91
C ASP A 323 9.83 19.31 10.65
N LEU A 324 9.44 19.49 11.90
CA LEU A 324 8.81 18.44 12.65
C LEU A 324 7.53 17.99 11.97
N MET A 325 6.70 18.95 11.57
CA MET A 325 5.44 18.65 10.90
C MET A 325 5.65 17.86 9.63
N ARG A 326 6.55 18.38 8.78
CA ARG A 326 7.00 17.72 7.57
C ARG A 326 7.39 16.25 7.85
N ARG A 327 8.10 16.03 8.94
CA ARG A 327 8.53 14.68 9.32
C ARG A 327 7.38 13.83 9.87
N MET A 328 6.39 14.46 10.52
CA MET A 328 5.21 13.75 10.92
C MET A 328 4.30 13.44 9.72
N LEU A 329 4.46 14.15 8.61
CA LEU A 329 3.59 13.99 7.45
C LEU A 329 4.31 13.29 6.29
N GLU A 330 5.33 12.50 6.62
CA GLU A 330 6.01 11.65 5.64
CA GLU A 330 6.01 11.66 5.65
C GLU A 330 5.01 10.64 5.12
N PHE A 331 4.93 10.50 3.81
CA PHE A 331 4.00 9.56 3.19
C PHE A 331 4.19 8.12 3.70
N ASP A 332 5.43 7.68 3.71
CA ASP A 332 5.79 6.26 3.99
C ASP A 332 5.76 6.09 5.48
N PRO A 333 4.81 5.31 5.99
CA PRO A 333 4.73 5.13 7.45
C PRO A 333 6.01 4.50 8.08
N ALA A 334 6.76 3.76 7.26
CA ALA A 334 8.02 3.16 7.73
C ALA A 334 9.10 4.24 7.95
N GLN A 335 9.08 5.31 7.14
CA GLN A 335 10.07 6.38 7.29
CA GLN A 335 10.08 6.38 7.27
C GLN A 335 9.55 7.55 8.13
N ARG A 336 8.27 7.53 8.49
CA ARG A 336 7.71 8.60 9.32
C ARG A 336 8.34 8.63 10.67
N ILE A 337 8.53 9.83 11.21
CA ILE A 337 9.10 10.03 12.53
C ILE A 337 8.23 9.38 13.57
N THR A 338 8.86 8.77 14.57
CA THR A 338 8.15 8.15 15.68
C THR A 338 8.02 9.20 16.74
N LEU A 339 7.13 8.98 17.69
CA LEU A 339 6.98 9.92 18.78
C LEU A 339 8.21 10.00 19.69
N ALA A 340 8.85 8.85 19.99
CA ALA A 340 10.10 8.86 20.74
C ALA A 340 11.14 9.77 20.11
N GLU A 341 11.29 9.67 18.79
CA GLU A 341 12.20 10.56 18.04
C GLU A 341 11.68 12.02 18.05
N ALA A 342 10.39 12.20 17.85
CA ALA A 342 9.75 13.55 17.86
C ALA A 342 10.07 14.32 19.14
N LEU A 343 9.97 13.64 20.28
CA LEU A 343 10.33 14.22 21.58
C LEU A 343 11.76 14.72 21.69
N LEU A 344 12.66 14.22 20.85
CA LEU A 344 14.04 14.74 20.79
C LEU A 344 14.29 15.80 19.71
N HIS A 345 13.25 16.24 19.00
CA HIS A 345 13.41 17.20 17.90
C HIS A 345 13.82 18.55 18.49
N PRO A 346 14.75 19.25 17.83
CA PRO A 346 15.21 20.51 18.43
C PRO A 346 14.08 21.57 18.71
N PHE A 347 12.95 21.50 18.00
CA PHE A 347 11.73 22.34 18.30
C PHE A 347 11.36 22.40 19.76
N PHE A 348 11.51 21.30 20.49
CA PHE A 348 11.17 21.29 21.92
C PHE A 348 12.20 21.91 22.85
N ALA A 349 13.32 22.40 22.31
CA ALA A 349 14.24 23.26 23.04
C ALA A 349 13.55 24.49 23.67
N GLY A 350 12.56 25.06 22.97
CA GLY A 350 11.89 26.27 23.41
C GLY A 350 10.90 26.11 24.55
N LEU A 351 10.67 24.87 24.99
CA LEU A 351 9.78 24.66 26.13
C LEU A 351 10.37 25.32 27.35
N THR A 352 9.52 25.85 28.23
CA THR A 352 9.98 26.31 29.53
C THR A 352 10.27 25.04 30.34
N PRO A 353 11.20 25.11 31.32
CA PRO A 353 11.43 23.94 32.18
C PRO A 353 10.13 23.37 32.82
N GLU A 354 9.22 24.26 33.19
CA GLU A 354 7.93 23.88 33.76
C GLU A 354 7.07 23.05 32.75
N GLU A 355 7.06 23.50 31.50
CA GLU A 355 6.36 22.76 30.44
C GLU A 355 7.00 21.38 30.22
N ARG A 356 8.32 21.32 30.23
CA ARG A 356 9.08 20.07 30.00
C ARG A 356 8.85 19.02 31.08
N SER A 357 8.68 19.46 32.32
CA SER A 357 8.47 18.57 33.47
C SER A 357 6.97 18.36 33.84
N PHE A 358 6.05 18.97 33.08
CA PHE A 358 4.60 18.85 33.33
C PHE A 358 4.11 19.46 34.67
N HIS A 359 4.79 20.50 35.17
CA HIS A 359 4.34 21.23 36.35
C HIS A 359 3.78 22.60 35.99
N THR A 360 2.51 22.62 35.65
CA THR A 360 1.74 23.85 35.70
C THR A 360 1.00 23.92 37.08
N ARG B 10 32.59 5.36 -38.18
CA ARG B 10 31.33 6.18 -38.15
C ARG B 10 31.11 6.88 -36.80
N SER B 11 30.09 7.73 -36.76
CA SER B 11 29.68 8.43 -35.54
C SER B 11 28.88 7.48 -34.62
N VAL B 12 29.54 6.92 -33.59
CA VAL B 12 28.91 5.99 -32.63
C VAL B 12 29.28 6.37 -31.19
N GLU B 13 28.27 6.54 -30.33
CA GLU B 13 28.50 6.93 -28.93
C GLU B 13 27.57 6.20 -27.98
N ASP B 14 27.96 6.18 -26.70
CA ASP B 14 27.30 5.40 -25.66
C ASP B 14 26.78 6.29 -24.51
N ASP B 15 25.89 5.70 -23.70
CA ASP B 15 25.40 6.27 -22.44
C ASP B 15 26.54 6.19 -21.41
N LYS B 16 26.32 6.68 -20.19
CA LYS B 16 27.29 6.49 -19.08
C LYS B 16 27.25 5.04 -18.62
N GLU B 17 26.03 4.51 -18.54
CA GLU B 17 25.80 3.07 -18.50
C GLU B 17 26.04 2.59 -19.94
N GLY B 18 25.72 1.34 -20.24
CA GLY B 18 26.10 0.79 -21.54
C GLY B 18 25.48 1.37 -22.81
N HIS B 19 24.29 1.95 -22.71
CA HIS B 19 23.35 2.04 -23.86
C HIS B 19 23.92 2.71 -25.10
N LEU B 20 23.57 2.20 -26.27
CA LEU B 20 23.85 2.88 -27.53
C LEU B 20 22.90 4.06 -27.70
N VAL B 21 23.47 5.24 -27.97
CA VAL B 21 22.69 6.41 -28.35
C VAL B 21 22.28 6.21 -29.80
N CYS B 22 20.98 6.26 -30.07
CA CYS B 22 20.49 6.17 -31.45
C CYS B 22 19.09 6.75 -31.59
N ARG B 23 18.83 7.35 -32.74
CA ARG B 23 17.56 8.02 -33.01
C ARG B 23 16.91 7.46 -34.26
N ILE B 24 15.65 7.82 -34.44
CA ILE B 24 14.85 7.34 -35.58
C ILE B 24 15.58 7.74 -36.87
N GLY B 25 15.70 6.81 -37.81
CA GLY B 25 16.43 7.06 -39.06
C GLY B 25 17.85 6.49 -39.11
N ASP B 26 18.48 6.25 -37.95
CA ASP B 26 19.83 5.66 -37.90
C ASP B 26 19.90 4.29 -38.57
N TRP B 27 21.08 3.94 -39.08
CA TRP B 27 21.30 2.68 -39.77
C TRP B 27 22.28 1.81 -38.97
N LEU B 28 22.20 0.50 -39.20
CA LEU B 28 23.06 -0.50 -38.55
C LEU B 28 23.33 -1.64 -39.51
N GLN B 29 24.61 -1.98 -39.70
CA GLN B 29 25.02 -3.03 -40.65
C GLN B 29 24.56 -2.72 -42.09
N GLU B 30 24.56 -1.44 -42.45
CA GLU B 30 24.02 -0.94 -43.73
C GLU B 30 22.75 -1.70 -44.18
N ARG B 31 21.84 -1.91 -43.23
CA ARG B 31 20.74 -2.89 -43.38
C ARG B 31 19.49 -2.53 -42.56
N TYR B 32 19.66 -2.28 -41.26
CA TYR B 32 18.53 -2.09 -40.35
C TYR B 32 18.34 -0.61 -40.09
N GLU B 33 17.22 -0.06 -40.57
CA GLU B 33 16.88 1.35 -40.35
C GLU B 33 15.94 1.42 -39.15
N ILE B 34 16.33 2.19 -38.13
CA ILE B 34 15.48 2.40 -36.95
C ILE B 34 14.29 3.29 -37.33
N VAL B 35 13.07 2.82 -37.02
CA VAL B 35 11.84 3.62 -37.24
C VAL B 35 10.98 3.82 -35.99
N GLY B 36 11.40 3.30 -34.85
CA GLY B 36 10.66 3.47 -33.59
C GLY B 36 11.37 2.87 -32.40
N ASN B 37 10.99 3.33 -31.21
CA ASN B 37 11.50 2.79 -29.98
C ASN B 37 10.39 1.93 -29.35
N LEU B 38 10.72 0.68 -29.00
CA LEU B 38 9.73 -0.29 -28.53
C LEU B 38 9.79 -0.57 -27.04
N GLY B 39 10.92 -0.36 -26.41
CA GLY B 39 11.06 -0.78 -25.04
C GLY B 39 12.48 -0.75 -24.51
N GLU B 40 12.57 -0.84 -23.20
CA GLU B 40 13.82 -0.70 -22.49
C GLU B 40 13.78 -1.72 -21.39
N GLY B 41 14.91 -2.37 -21.16
CA GLY B 41 15.03 -3.35 -20.11
C GLY B 41 16.33 -3.10 -19.43
N THR B 42 16.51 -3.83 -18.36
CA THR B 42 17.79 -3.95 -17.70
C THR B 42 18.95 -4.29 -18.70
N PHE B 43 18.64 -5.11 -19.69
CA PHE B 43 19.63 -5.55 -20.71
C PHE B 43 20.11 -4.44 -21.64
N GLY B 44 19.24 -3.47 -21.91
CA GLY B 44 19.48 -2.52 -22.97
C GLY B 44 18.18 -1.96 -23.51
N LYS B 45 17.97 -2.15 -24.80
CA LYS B 45 17.01 -1.37 -25.58
C LYS B 45 16.38 -2.28 -26.62
N VAL B 46 15.12 -2.07 -26.95
CA VAL B 46 14.51 -2.72 -28.13
C VAL B 46 13.94 -1.64 -29.03
N VAL B 47 14.24 -1.72 -30.34
CA VAL B 47 13.85 -0.71 -31.33
C VAL B 47 13.21 -1.35 -32.56
N GLU B 48 12.23 -0.68 -33.16
CA GLU B 48 11.63 -1.18 -34.41
C GLU B 48 12.51 -0.79 -35.55
N CYS B 49 12.69 -1.73 -36.48
CA CYS B 49 13.55 -1.52 -37.61
C CYS B 49 12.91 -2.04 -38.88
N LEU B 50 13.38 -1.50 -39.99
CA LEU B 50 13.05 -2.01 -41.30
C LEU B 50 14.29 -2.69 -41.84
N ASP B 51 14.12 -3.94 -42.29
CA ASP B 51 15.21 -4.79 -42.77
C ASP B 51 15.32 -4.67 -44.30
N HIS B 52 16.25 -3.82 -44.75
CA HIS B 52 16.47 -3.58 -46.19
C HIS B 52 17.25 -4.71 -46.93
N ALA B 53 17.26 -5.92 -46.38
CA ALA B 53 17.65 -7.15 -47.12
C ALA B 53 16.47 -8.07 -47.42
N ARG B 54 15.44 -8.02 -46.56
CA ARG B 54 14.25 -8.85 -46.74
C ARG B 54 13.03 -7.95 -47.08
N GLY B 55 13.28 -6.86 -47.80
CA GLY B 55 12.22 -6.06 -48.43
C GLY B 55 11.45 -5.19 -47.46
N LYS B 56 12.17 -4.31 -46.78
CA LYS B 56 11.59 -3.39 -45.77
C LYS B 56 10.77 -4.09 -44.65
N SER B 57 11.03 -5.37 -44.42
CA SER B 57 10.27 -6.15 -43.45
C SER B 57 10.54 -5.64 -42.03
N GLN B 58 9.50 -5.63 -41.21
CA GLN B 58 9.62 -5.13 -39.85
C GLN B 58 10.36 -6.11 -38.94
N VAL B 59 11.11 -5.56 -37.99
CA VAL B 59 11.99 -6.31 -37.13
C VAL B 59 12.06 -5.61 -35.80
N ALA B 60 11.99 -6.38 -34.72
CA ALA B 60 12.28 -5.88 -33.39
C ALA B 60 13.75 -6.13 -33.15
N LEU B 61 14.50 -5.07 -32.87
CA LEU B 61 15.95 -5.16 -32.72
C LEU B 61 16.30 -4.90 -31.30
N LYS B 62 16.87 -5.91 -30.66
CA LYS B 62 17.25 -5.83 -29.28
C LYS B 62 18.70 -5.41 -29.28
N ILE B 63 18.98 -4.29 -28.65
CA ILE B 63 20.29 -3.70 -28.64
C ILE B 63 20.79 -3.72 -27.21
N ILE B 64 21.88 -4.47 -26.99
CA ILE B 64 22.35 -4.80 -25.66
C ILE B 64 23.41 -3.79 -25.28
N ARG B 65 23.44 -3.48 -23.99
CA ARG B 65 24.43 -2.57 -23.44
C ARG B 65 25.86 -3.05 -23.68
N ASN B 66 26.74 -2.07 -23.89
CA ASN B 66 28.16 -2.30 -24.05
C ASN B 66 28.77 -2.51 -22.66
N VAL B 67 28.39 -3.60 -22.01
CA VAL B 67 28.83 -3.94 -20.65
C VAL B 67 28.98 -5.47 -20.60
N GLY B 68 30.04 -5.95 -19.91
CA GLY B 68 30.41 -7.38 -19.92
C GLY B 68 29.26 -8.31 -19.53
N LYS B 69 28.75 -8.14 -18.32
CA LYS B 69 27.60 -8.89 -17.81
C LYS B 69 26.53 -9.12 -18.89
N TYR B 70 26.12 -8.03 -19.55
CA TYR B 70 25.01 -8.07 -20.50
C TYR B 70 25.39 -8.70 -21.83
N ARG B 71 26.54 -8.35 -22.36
CA ARG B 71 27.07 -9.00 -23.56
C ARG B 71 27.12 -10.54 -23.37
N GLU B 72 27.66 -10.96 -22.23
CA GLU B 72 27.66 -12.36 -21.82
C GLU B 72 26.27 -12.96 -21.89
N ALA B 73 25.32 -12.33 -21.22
CA ALA B 73 23.92 -12.81 -21.25
C ALA B 73 23.33 -12.91 -22.65
N ALA B 74 23.64 -11.94 -23.51
CA ALA B 74 23.13 -11.93 -24.86
C ALA B 74 23.74 -13.06 -25.70
N ARG B 75 25.03 -13.36 -25.47
CA ARG B 75 25.68 -14.46 -26.17
CA ARG B 75 25.67 -14.47 -26.16
C ARG B 75 24.99 -15.74 -25.75
N LEU B 76 24.69 -15.85 -24.47
CA LEU B 76 23.99 -17.03 -23.95
C LEU B 76 22.58 -17.13 -24.59
N GLU B 77 21.91 -15.97 -24.75
CA GLU B 77 20.58 -15.94 -25.38
C GLU B 77 20.65 -16.40 -26.80
N ILE B 78 21.60 -15.88 -27.56
CA ILE B 78 21.79 -16.27 -28.98
C ILE B 78 21.97 -17.78 -29.10
N ASN B 79 22.82 -18.32 -28.23
CA ASN B 79 23.03 -19.75 -28.11
C ASN B 79 21.74 -20.52 -27.88
N VAL B 80 20.93 -20.08 -26.92
CA VAL B 80 19.68 -20.78 -26.65
C VAL B 80 18.71 -20.70 -27.84
N LEU B 81 18.64 -19.54 -28.46
CA LEU B 81 17.72 -19.33 -29.58
C LEU B 81 18.17 -20.19 -30.75
N LYS B 82 19.49 -20.29 -30.94
CA LYS B 82 20.06 -21.20 -31.93
C LYS B 82 19.60 -22.65 -31.70
N LYS B 83 19.71 -23.10 -30.45
CA LYS B 83 19.31 -24.45 -30.07
C LYS B 83 17.81 -24.71 -30.24
N ILE B 84 16.97 -23.76 -29.83
CA ILE B 84 15.51 -23.86 -30.03
C ILE B 84 15.20 -23.96 -31.51
N LYS B 85 15.88 -23.16 -32.34
CA LYS B 85 15.63 -23.12 -33.77
C LYS B 85 16.01 -24.47 -34.43
N GLU B 86 17.13 -25.05 -34.01
CA GLU B 86 17.52 -26.39 -34.44
CA GLU B 86 17.52 -26.37 -34.44
C GLU B 86 16.44 -27.43 -34.12
N LYS B 87 15.87 -27.38 -32.91
CA LYS B 87 14.87 -28.39 -32.46
C LYS B 87 13.39 -28.07 -32.76
N ASP B 88 13.13 -26.93 -33.39
CA ASP B 88 11.77 -26.47 -33.70
C ASP B 88 11.88 -25.65 -35.00
N LYS B 89 12.21 -26.33 -36.09
CA LYS B 89 12.40 -25.67 -37.40
C LYS B 89 11.06 -25.17 -37.95
N GLU B 90 10.06 -26.03 -37.80
CA GLU B 90 8.64 -25.72 -38.00
C GLU B 90 8.07 -24.54 -37.14
N ASN B 91 8.77 -24.15 -36.06
CA ASN B 91 8.38 -23.08 -35.15
C ASN B 91 6.99 -23.29 -34.54
N LYS B 92 6.77 -24.50 -34.04
CA LYS B 92 5.49 -24.90 -33.51
C LYS B 92 5.36 -24.60 -32.03
N PHE B 93 6.47 -24.24 -31.36
CA PHE B 93 6.45 -24.14 -29.88
C PHE B 93 6.53 -22.69 -29.31
N LEU B 94 6.18 -21.74 -30.16
CA LEU B 94 5.73 -20.39 -29.76
C LEU B 94 6.80 -19.56 -29.07
N CYS B 95 8.07 -19.84 -29.41
CA CYS B 95 9.16 -19.00 -28.95
C CYS B 95 9.42 -17.94 -29.99
N VAL B 96 9.77 -16.74 -29.53
CA VAL B 96 10.01 -15.63 -30.42
C VAL B 96 11.12 -15.99 -31.40
N LEU B 97 10.89 -15.65 -32.66
CA LEU B 97 11.74 -16.08 -33.75
C LEU B 97 12.92 -15.12 -33.93
N MET B 98 14.15 -15.60 -33.64
CA MET B 98 15.37 -14.87 -33.99
C MET B 98 15.66 -14.99 -35.47
N SER B 99 15.87 -13.86 -36.14
CA SER B 99 16.14 -13.82 -37.60
C SER B 99 17.61 -13.47 -37.92
N ASP B 100 18.26 -12.72 -37.03
CA ASP B 100 19.67 -12.37 -37.21
C ASP B 100 20.29 -11.97 -35.86
N TRP B 101 21.61 -12.01 -35.76
CA TRP B 101 22.32 -11.40 -34.66
C TRP B 101 23.65 -10.82 -35.16
N PHE B 102 24.19 -9.85 -34.43
CA PHE B 102 25.50 -9.31 -34.78
C PHE B 102 26.10 -8.52 -33.64
N ASN B 103 27.40 -8.26 -33.76
CA ASN B 103 28.10 -7.34 -32.89
C ASN B 103 28.24 -6.00 -33.61
N PHE B 104 27.75 -4.94 -32.97
CA PHE B 104 27.87 -3.58 -33.48
C PHE B 104 28.56 -2.73 -32.41
N HIS B 105 29.86 -2.54 -32.58
CA HIS B 105 30.68 -1.73 -31.66
C HIS B 105 30.57 -2.17 -30.18
N GLY B 106 30.56 -3.49 -29.94
CA GLY B 106 30.41 -4.04 -28.58
C GLY B 106 28.96 -4.23 -28.11
N HIS B 107 28.00 -3.69 -28.83
CA HIS B 107 26.58 -3.98 -28.56
C HIS B 107 26.19 -5.23 -29.36
N MET B 108 25.95 -6.33 -28.67
CA MET B 108 25.26 -7.47 -29.28
C MET B 108 23.87 -6.98 -29.70
N CYS B 109 23.47 -7.33 -30.92
CA CYS B 109 22.16 -6.99 -31.39
C CYS B 109 21.51 -8.27 -31.84
N ILE B 110 20.22 -8.44 -31.53
CA ILE B 110 19.48 -9.60 -31.97
C ILE B 110 18.19 -9.13 -32.62
N ALA B 111 17.95 -9.61 -33.82
CA ALA B 111 16.78 -9.23 -34.57
C ALA B 111 15.75 -10.30 -34.43
N PHE B 112 14.51 -9.88 -34.13
CA PHE B 112 13.41 -10.78 -33.95
C PHE B 112 12.26 -10.40 -34.85
N GLU B 113 11.37 -11.35 -35.13
CA GLU B 113 10.03 -11.06 -35.71
C GLU B 113 9.37 -9.98 -34.85
N LEU B 114 8.74 -9.00 -35.51
CA LEU B 114 8.01 -7.97 -34.79
C LEU B 114 6.66 -8.49 -34.36
N LEU B 115 6.39 -8.38 -33.07
CA LEU B 115 5.16 -8.84 -32.48
C LEU B 115 4.44 -7.62 -31.91
N GLY B 116 3.34 -7.86 -31.19
CA GLY B 116 2.58 -6.79 -30.55
C GLY B 116 3.09 -6.44 -29.18
N LYS B 117 2.21 -5.89 -28.36
CA LYS B 117 2.60 -5.50 -27.00
C LYS B 117 2.75 -6.74 -26.15
N ASN B 118 3.61 -6.67 -25.14
CA ASN B 118 3.67 -7.71 -24.17
C ASN B 118 2.45 -7.65 -23.23
N THR B 119 2.18 -8.75 -22.54
CA THR B 119 0.95 -8.90 -21.81
C THR B 119 0.92 -8.05 -20.54
N PHE B 120 2.09 -7.60 -20.08
CA PHE B 120 2.11 -6.62 -18.97
C PHE B 120 1.62 -5.24 -19.46
N GLU B 121 2.20 -4.76 -20.57
CA GLU B 121 1.84 -3.46 -21.13
C GLU B 121 0.38 -3.38 -21.58
N PHE B 122 -0.18 -4.49 -22.05
CA PHE B 122 -1.58 -4.53 -22.40
C PHE B 122 -2.43 -4.33 -21.16
N LEU B 123 -2.09 -5.06 -20.12
CA LEU B 123 -2.76 -4.95 -18.85
C LEU B 123 -2.68 -3.52 -18.28
N LYS B 124 -1.47 -2.96 -18.31
CA LYS B 124 -1.27 -1.59 -17.86
C LYS B 124 -2.13 -0.57 -18.65
N GLU B 125 -2.08 -0.64 -19.98
CA GLU B 125 -2.85 0.26 -20.83
CA GLU B 125 -2.86 0.28 -20.83
C GLU B 125 -4.37 0.00 -20.66
N ASN B 126 -4.73 -1.14 -20.06
CA ASN B 126 -6.12 -1.45 -19.69
C ASN B 126 -6.47 -1.12 -18.22
N ASN B 127 -5.72 -0.23 -17.58
CA ASN B 127 -5.92 0.08 -16.12
C ASN B 127 -5.91 -1.13 -15.18
N PHE B 128 -5.08 -2.12 -15.54
CA PHE B 128 -4.90 -3.35 -14.74
C PHE B 128 -6.17 -4.11 -14.52
N GLN B 129 -7.07 -4.03 -15.48
CA GLN B 129 -8.29 -4.79 -15.43
C GLN B 129 -7.98 -6.09 -16.15
N PRO B 130 -8.35 -7.21 -15.52
CA PRO B 130 -7.85 -8.46 -15.92
C PRO B 130 -8.35 -8.96 -17.24
N TYR B 131 -7.63 -9.92 -17.79
CA TYR B 131 -8.07 -10.60 -18.96
C TYR B 131 -9.24 -11.48 -18.54
N PRO B 132 -10.21 -11.66 -19.44
CA PRO B 132 -11.28 -12.59 -19.14
C PRO B 132 -10.82 -14.05 -19.21
N LEU B 133 -11.59 -14.91 -18.57
CA LEU B 133 -11.19 -16.26 -18.35
C LEU B 133 -10.82 -17.01 -19.65
N PRO B 134 -11.64 -16.88 -20.70
CA PRO B 134 -11.27 -17.58 -21.95
C PRO B 134 -9.93 -17.15 -22.49
N HIS B 135 -9.56 -15.90 -22.28
CA HIS B 135 -8.27 -15.42 -22.67
C HIS B 135 -7.20 -16.00 -21.72
N VAL B 136 -7.53 -16.10 -20.45
CA VAL B 136 -6.57 -16.62 -19.49
C VAL B 136 -6.26 -18.08 -19.84
N ARG B 137 -7.28 -18.79 -20.28
CA ARG B 137 -7.18 -20.19 -20.58
C ARG B 137 -6.32 -20.42 -21.81
N HIS B 138 -6.63 -19.71 -22.89
CA HIS B 138 -5.85 -19.83 -24.08
C HIS B 138 -4.41 -19.42 -23.85
N MET B 139 -4.18 -18.35 -23.09
CA MET B 139 -2.82 -17.91 -22.83
C MET B 139 -2.06 -18.96 -21.99
N ALA B 140 -2.74 -19.53 -20.99
CA ALA B 140 -2.15 -20.55 -20.13
C ALA B 140 -1.75 -21.82 -20.92
N TYR B 141 -2.60 -22.19 -21.86
CA TYR B 141 -2.35 -23.31 -22.70
C TYR B 141 -1.08 -23.14 -23.52
N GLN B 142 -0.96 -21.99 -24.15
CA GLN B 142 0.20 -21.72 -24.99
C GLN B 142 1.46 -21.65 -24.17
N LEU B 143 1.35 -21.15 -22.94
CA LEU B 143 2.50 -21.06 -22.05
C LEU B 143 2.93 -22.43 -21.67
N CYS B 144 1.99 -23.26 -21.25
CA CYS B 144 2.30 -24.64 -20.91
C CYS B 144 2.94 -25.39 -22.12
N HIS B 145 2.35 -25.27 -23.29
CA HIS B 145 2.85 -25.87 -24.54
C HIS B 145 4.28 -25.42 -24.86
N ALA B 146 4.53 -24.12 -24.80
CA ALA B 146 5.84 -23.61 -25.15
C ALA B 146 6.91 -24.04 -24.16
N LEU B 147 6.62 -23.93 -22.89
CA LEU B 147 7.60 -24.27 -21.89
C LEU B 147 7.79 -25.79 -21.69
N ARG B 148 6.78 -26.63 -21.98
CA ARG B 148 6.98 -28.08 -21.92
C ARG B 148 8.09 -28.44 -22.89
N PHE B 149 8.01 -27.86 -24.08
CA PHE B 149 8.99 -28.08 -25.08
C PHE B 149 10.39 -27.74 -24.57
N LEU B 150 10.59 -26.58 -23.98
CA LEU B 150 11.95 -26.25 -23.55
C LEU B 150 12.37 -27.17 -22.42
N HIS B 151 11.41 -27.51 -21.55
CA HIS B 151 11.66 -28.42 -20.44
C HIS B 151 12.07 -29.85 -20.83
N GLU B 152 11.59 -30.33 -21.98
CA GLU B 152 11.95 -31.68 -22.44
C GLU B 152 13.26 -31.63 -23.20
N ASN B 153 13.70 -30.42 -23.56
CA ASN B 153 15.02 -30.18 -24.13
C ASN B 153 16.02 -29.58 -23.15
N GLN B 154 15.95 -30.05 -21.91
CA GLN B 154 16.98 -29.81 -20.86
C GLN B 154 17.18 -28.29 -20.52
N LEU B 155 16.09 -27.54 -20.61
CA LEU B 155 16.18 -26.07 -20.57
C LEU B 155 15.21 -25.51 -19.55
N THR B 156 15.65 -24.49 -18.82
CA THR B 156 14.76 -23.76 -17.87
C THR B 156 14.86 -22.26 -18.22
N HIS B 157 13.73 -21.59 -18.45
CA HIS B 157 13.73 -20.16 -18.81
C HIS B 157 14.23 -19.32 -17.64
N THR B 158 13.66 -19.60 -16.46
CA THR B 158 13.92 -18.92 -15.17
C THR B 158 13.41 -17.48 -15.03
N ASP B 159 13.13 -16.78 -16.11
CA ASP B 159 12.72 -15.38 -16.02
C ASP B 159 11.34 -15.14 -16.69
N LEU B 160 10.41 -16.05 -16.44
CA LEU B 160 9.11 -15.93 -16.98
C LEU B 160 8.37 -14.88 -16.17
N LYS B 161 7.78 -13.95 -16.89
CA LYS B 161 6.93 -12.86 -16.29
C LYS B 161 6.10 -12.26 -17.36
N PRO B 162 5.02 -11.53 -17.00
CA PRO B 162 4.13 -10.99 -18.01
C PRO B 162 4.83 -10.15 -19.08
N GLU B 163 5.87 -9.40 -18.72
CA GLU B 163 6.63 -8.58 -19.71
CA GLU B 163 6.60 -8.58 -19.71
C GLU B 163 7.25 -9.41 -20.83
N ASN B 164 7.58 -10.69 -20.53
CA ASN B 164 8.24 -11.57 -21.49
C ASN B 164 7.31 -12.44 -22.28
N ILE B 165 6.00 -12.27 -22.09
CA ILE B 165 5.02 -12.92 -22.94
C ILE B 165 4.43 -11.85 -23.87
N LEU B 166 4.47 -12.07 -25.18
CA LEU B 166 4.06 -11.03 -26.12
C LEU B 166 2.91 -11.53 -26.96
N PHE B 167 1.86 -10.70 -27.13
CA PHE B 167 0.86 -10.97 -28.13
C PHE B 167 1.49 -10.88 -29.51
N VAL B 168 1.09 -11.77 -30.42
CA VAL B 168 1.50 -11.68 -31.81
C VAL B 168 0.95 -10.40 -32.44
N ASN B 169 -0.32 -10.12 -32.15
CA ASN B 169 -0.96 -8.89 -32.56
C ASN B 169 -1.82 -8.41 -31.42
N SER B 170 -1.55 -7.21 -30.88
CA SER B 170 -2.29 -6.69 -29.71
C SER B 170 -3.48 -5.70 -30.03
N GLU B 171 -3.99 -5.71 -31.26
CA GLU B 171 -5.19 -4.92 -31.60
C GLU B 171 -6.36 -5.31 -30.71
N PHE B 172 -7.13 -4.32 -30.25
CA PHE B 172 -8.23 -4.55 -29.31
C PHE B 172 -9.54 -3.93 -29.77
N GLU B 173 -10.61 -4.33 -29.09
CA GLU B 173 -11.91 -3.76 -29.24
C GLU B 173 -12.27 -3.20 -27.86
N THR B 174 -12.99 -2.07 -27.85
CA THR B 174 -13.30 -1.37 -26.61
C THR B 174 -14.72 -1.66 -26.16
N LEU B 175 -14.86 -2.20 -24.95
CA LEU B 175 -16.11 -2.71 -24.44
C LEU B 175 -16.50 -1.91 -23.20
N TYR B 176 -17.68 -2.18 -22.66
CA TYR B 176 -18.15 -1.54 -21.45
C TYR B 176 -18.53 -2.56 -20.39
N ASN B 177 -17.82 -2.52 -19.26
CA ASN B 177 -18.15 -3.35 -18.11
C ASN B 177 -19.37 -2.77 -17.37
N GLU B 178 -20.44 -3.57 -17.30
CA GLU B 178 -21.68 -3.19 -16.58
C GLU B 178 -21.43 -3.04 -15.08
N HIS B 179 -20.98 -4.14 -14.46
CA HIS B 179 -20.70 -4.19 -13.02
C HIS B 179 -19.83 -2.99 -12.62
N LYS B 180 -18.69 -2.82 -13.30
CA LYS B 180 -17.66 -1.85 -12.91
C LYS B 180 -17.88 -0.41 -13.39
N SER B 181 -18.94 -0.18 -14.20
CA SER B 181 -19.27 1.15 -14.77
C SER B 181 -18.09 1.87 -15.48
N CYS B 182 -17.44 1.17 -16.40
CA CYS B 182 -16.27 1.74 -17.14
C CYS B 182 -15.95 0.96 -18.42
N GLU B 183 -15.03 1.49 -19.23
CA GLU B 183 -14.54 0.80 -20.45
C GLU B 183 -13.47 -0.30 -20.16
N GLU B 184 -13.37 -1.29 -21.04
CA GLU B 184 -12.35 -2.39 -20.98
C GLU B 184 -11.82 -2.72 -22.37
N LYS B 185 -10.51 -2.78 -22.50
CA LYS B 185 -9.91 -3.25 -23.72
C LYS B 185 -9.85 -4.80 -23.72
N SER B 186 -10.29 -5.41 -24.81
CA SER B 186 -10.29 -6.86 -24.94
C SER B 186 -9.55 -7.21 -26.23
N VAL B 187 -8.44 -7.94 -26.10
CA VAL B 187 -7.58 -8.20 -27.24
C VAL B 187 -8.32 -9.10 -28.24
N LYS B 188 -8.13 -8.85 -29.55
CA LYS B 188 -8.86 -9.57 -30.60
C LYS B 188 -8.36 -11.00 -30.82
N ASN B 189 -7.05 -11.20 -30.66
CA ASN B 189 -6.44 -12.50 -30.86
C ASN B 189 -5.45 -12.73 -29.70
N THR B 190 -5.66 -13.81 -28.94
CA THR B 190 -4.84 -14.14 -27.78
C THR B 190 -3.60 -15.01 -28.10
N SER B 191 -3.21 -15.16 -29.37
CA SER B 191 -1.97 -15.85 -29.71
C SER B 191 -0.77 -15.11 -29.09
N ILE B 192 0.13 -15.85 -28.45
CA ILE B 192 1.29 -15.26 -27.81
C ILE B 192 2.61 -15.93 -28.21
N ARG B 193 3.71 -15.28 -27.88
CA ARG B 193 5.02 -15.86 -27.99
C ARG B 193 5.80 -15.61 -26.72
N VAL B 194 6.76 -16.51 -26.43
CA VAL B 194 7.62 -16.38 -25.26
C VAL B 194 8.95 -15.75 -25.68
N ALA B 195 9.42 -14.78 -24.90
CA ALA B 195 10.58 -13.97 -25.27
C ALA B 195 11.57 -13.85 -24.14
N ASP B 196 12.76 -13.35 -24.52
CA ASP B 196 13.89 -13.12 -23.61
C ASP B 196 14.45 -14.39 -22.99
N PHE B 197 15.47 -14.92 -23.64
CA PHE B 197 16.15 -16.12 -23.17
C PHE B 197 17.56 -15.82 -22.63
N GLY B 198 17.76 -14.57 -22.17
CA GLY B 198 19.01 -14.15 -21.57
C GLY B 198 19.36 -14.80 -20.24
N SER B 199 18.39 -15.43 -19.59
CA SER B 199 18.65 -16.16 -18.34
C SER B 199 18.47 -17.65 -18.45
N ALA B 200 18.10 -18.15 -19.62
CA ALA B 200 17.70 -19.52 -19.77
C ALA B 200 18.92 -20.44 -19.61
N THR B 201 18.73 -21.55 -18.91
CA THR B 201 19.82 -22.36 -18.40
C THR B 201 19.62 -23.85 -18.71
N PHE B 202 20.67 -24.49 -19.24
CA PHE B 202 20.63 -25.92 -19.56
C PHE B 202 20.89 -26.72 -18.28
N ASP B 203 20.34 -27.93 -18.19
CA ASP B 203 20.58 -28.83 -17.04
C ASP B 203 22.09 -28.90 -16.66
N HIS B 204 22.94 -29.02 -17.65
CA HIS B 204 24.37 -29.24 -17.41
C HIS B 204 25.15 -27.97 -17.07
N GLU B 205 24.56 -26.80 -17.22
CA GLU B 205 25.26 -25.54 -16.83
C GLU B 205 25.24 -25.26 -15.32
N HIS B 206 26.13 -24.40 -14.86
CA HIS B 206 26.07 -23.88 -13.51
C HIS B 206 24.69 -23.20 -13.24
N HIS B 207 24.12 -23.53 -12.08
CA HIS B 207 22.89 -22.95 -11.57
C HIS B 207 23.27 -21.98 -10.44
N THR B 208 23.06 -20.69 -10.69
CA THR B 208 23.21 -19.66 -9.63
C THR B 208 22.26 -19.93 -8.46
N THR B 209 22.64 -19.52 -7.27
CA THR B 209 21.80 -19.64 -6.10
C THR B 209 20.41 -19.01 -6.37
N ILE B 210 20.42 -17.77 -6.92
CA ILE B 210 19.21 -16.97 -7.04
C ILE B 210 18.91 -16.68 -8.49
N VAL B 211 17.71 -17.05 -8.94
CA VAL B 211 17.21 -16.69 -10.26
C VAL B 211 15.75 -16.19 -10.14
N ALA B 212 15.25 -15.69 -11.28
CA ALA B 212 13.91 -15.08 -11.45
C ALA B 212 13.82 -13.70 -10.81
N THR B 213 12.98 -12.83 -11.35
CA THR B 213 12.73 -11.56 -10.66
C THR B 213 11.74 -11.84 -9.55
N ARG B 214 11.86 -11.04 -8.51
CA ARG B 214 11.36 -11.41 -7.22
C ARG B 214 9.96 -11.97 -7.21
N HIS B 215 9.04 -11.28 -7.88
CA HIS B 215 7.62 -11.57 -7.78
C HIS B 215 7.26 -12.93 -8.36
N TYR B 216 8.12 -13.47 -9.25
CA TYR B 216 7.85 -14.71 -9.95
C TYR B 216 8.80 -15.86 -9.48
N ARG B 217 9.45 -15.63 -8.33
CA ARG B 217 10.50 -16.49 -7.80
C ARG B 217 9.93 -17.54 -6.84
N PRO B 218 10.25 -18.82 -7.07
CA PRO B 218 9.71 -19.90 -6.23
C PRO B 218 10.40 -20.05 -4.88
N PRO B 219 9.73 -20.70 -3.94
CA PRO B 219 10.26 -20.84 -2.60
C PRO B 219 11.57 -21.69 -2.50
N GLU B 220 11.75 -22.66 -3.40
CA GLU B 220 13.01 -23.45 -3.40
C GLU B 220 14.21 -22.58 -3.67
N VAL B 221 13.98 -21.52 -4.48
CA VAL B 221 15.06 -20.55 -4.78
C VAL B 221 15.38 -19.67 -3.56
N ILE B 222 14.34 -19.17 -2.91
CA ILE B 222 14.54 -18.28 -1.77
C ILE B 222 15.27 -19.04 -0.67
N LEU B 223 14.80 -20.26 -0.44
CA LEU B 223 15.40 -21.13 0.58
C LEU B 223 16.71 -21.83 0.14
N GLU B 224 17.12 -21.61 -1.10
CA GLU B 224 18.44 -22.00 -1.59
C GLU B 224 18.61 -23.55 -1.52
N LEU B 225 17.58 -24.23 -1.96
CA LEU B 225 17.52 -25.63 -2.07
C LEU B 225 17.89 -26.13 -3.47
N GLY B 226 18.25 -25.19 -4.34
CA GLY B 226 18.48 -25.50 -5.75
C GLY B 226 17.17 -25.57 -6.53
N TRP B 227 17.29 -25.52 -7.84
CA TRP B 227 16.12 -25.39 -8.68
C TRP B 227 16.37 -26.02 -10.01
N ALA B 228 15.28 -26.28 -10.71
CA ALA B 228 15.34 -26.66 -12.10
C ALA B 228 14.03 -26.25 -12.82
N GLN B 229 13.50 -27.10 -13.70
CA GLN B 229 12.34 -26.74 -14.51
C GLN B 229 11.09 -26.36 -13.66
N PRO B 230 10.91 -26.97 -12.48
CA PRO B 230 9.79 -26.57 -11.65
C PRO B 230 9.74 -25.05 -11.34
N CYS B 231 10.89 -24.39 -11.34
CA CYS B 231 10.95 -22.95 -11.20
C CYS B 231 10.02 -22.27 -12.21
N ASP B 232 10.07 -22.67 -13.48
CA ASP B 232 9.21 -22.07 -14.47
C ASP B 232 7.76 -22.30 -14.17
N VAL B 233 7.44 -23.45 -13.62
CA VAL B 233 6.04 -23.78 -13.40
C VAL B 233 5.43 -22.82 -12.33
N TRP B 234 6.20 -22.51 -11.30
CA TRP B 234 5.77 -21.57 -10.27
C TRP B 234 5.55 -20.19 -10.88
N SER B 235 6.53 -19.72 -11.65
CA SER B 235 6.41 -18.46 -12.38
C SER B 235 5.10 -18.37 -13.17
N ILE B 236 4.86 -19.44 -13.93
CA ILE B 236 3.64 -19.53 -14.73
C ILE B 236 2.38 -19.39 -13.85
N GLY B 237 2.37 -20.04 -12.71
CA GLY B 237 1.24 -19.93 -11.81
C GLY B 237 1.02 -18.51 -11.33
N CYS B 238 2.10 -17.78 -11.04
CA CYS B 238 2.00 -16.37 -10.64
C CYS B 238 1.45 -15.54 -11.79
N ILE B 239 1.96 -15.81 -12.98
CA ILE B 239 1.50 -15.14 -14.16
C ILE B 239 0.03 -15.37 -14.38
N LEU B 240 -0.40 -16.62 -14.31
CA LEU B 240 -1.81 -16.90 -14.57
C LEU B 240 -2.68 -16.07 -13.60
N PHE B 241 -2.28 -16.01 -12.36
CA PHE B 241 -3.03 -15.30 -11.36
C PHE B 241 -3.13 -13.80 -11.73
N GLU B 242 -1.99 -13.25 -12.12
CA GLU B 242 -1.87 -11.89 -12.54
C GLU B 242 -2.67 -11.58 -13.81
N TYR B 243 -2.77 -12.53 -14.74
CA TYR B 243 -3.68 -12.39 -15.85
C TYR B 243 -5.14 -12.32 -15.37
N TYR B 244 -5.49 -13.13 -14.39
CA TYR B 244 -6.90 -13.30 -13.99
C TYR B 244 -7.44 -12.18 -13.07
N ARG B 245 -6.59 -11.63 -12.21
CA ARG B 245 -6.96 -10.53 -11.35
C ARG B 245 -6.40 -9.20 -11.78
N GLY B 246 -5.33 -9.21 -12.57
CA GLY B 246 -4.73 -7.98 -13.06
C GLY B 246 -3.71 -7.37 -12.11
N PHE B 247 -3.62 -7.90 -10.89
CA PHE B 247 -2.56 -7.49 -9.98
C PHE B 247 -1.65 -8.70 -9.61
N THR B 248 -0.45 -8.34 -9.20
CA THR B 248 0.61 -9.25 -8.95
C THR B 248 0.31 -10.05 -7.69
N LEU B 249 0.52 -11.37 -7.76
CA LEU B 249 0.22 -12.27 -6.61
C LEU B 249 1.10 -12.03 -5.40
N PHE B 250 2.39 -11.80 -5.61
CA PHE B 250 3.34 -11.59 -4.53
C PHE B 250 3.98 -10.26 -4.76
N GLN B 251 3.36 -9.21 -4.24
CA GLN B 251 3.79 -7.82 -4.50
C GLN B 251 4.82 -7.53 -3.44
N THR B 252 6.01 -8.11 -3.60
CA THR B 252 6.97 -8.15 -2.51
C THR B 252 8.32 -7.62 -2.87
N HIS B 253 9.06 -7.25 -1.85
CA HIS B 253 10.38 -6.69 -2.05
C HIS B 253 11.48 -7.31 -1.16
N GLU B 254 11.14 -8.20 -0.21
CA GLU B 254 12.18 -8.96 0.51
C GLU B 254 11.72 -10.36 0.97
N ASN B 255 12.72 -11.24 1.19
CA ASN B 255 12.49 -12.71 1.30
C ASN B 255 11.54 -13.14 2.39
N ARG B 256 11.70 -12.57 3.58
CA ARG B 256 10.87 -12.92 4.72
C ARG B 256 9.40 -12.60 4.45
N GLU B 257 9.15 -11.37 3.97
CA GLU B 257 7.82 -10.92 3.57
C GLU B 257 7.25 -11.92 2.56
N HIS B 258 8.05 -12.20 1.53
CA HIS B 258 7.64 -13.11 0.46
C HIS B 258 7.19 -14.47 1.01
N LEU B 259 7.96 -15.01 1.97
CA LEU B 259 7.66 -16.32 2.56
C LEU B 259 6.37 -16.24 3.38
N VAL B 260 6.22 -15.18 4.16
CA VAL B 260 4.95 -14.92 4.88
C VAL B 260 3.78 -14.86 3.92
N MET B 261 3.92 -14.14 2.82
CA MET B 261 2.85 -14.06 1.84
C MET B 261 2.52 -15.45 1.27
N MET B 262 3.57 -16.26 1.01
CA MET B 262 3.36 -17.62 0.52
C MET B 262 2.56 -18.46 1.52
N GLU B 263 2.82 -18.29 2.80
CA GLU B 263 2.03 -18.99 3.81
C GLU B 263 0.61 -18.44 3.95
N LYS B 264 0.46 -17.13 3.99
CA LYS B 264 -0.89 -16.55 4.09
C LYS B 264 -1.75 -16.99 2.93
N ILE B 265 -1.13 -17.10 1.73
CA ILE B 265 -1.88 -17.36 0.48
C ILE B 265 -2.04 -18.87 0.21
N LEU B 266 -1.04 -19.65 0.57
CA LEU B 266 -0.94 -21.03 0.15
C LEU B 266 -0.94 -22.04 1.32
N GLY B 267 -0.79 -21.56 2.54
CA GLY B 267 -0.69 -22.42 3.67
C GLY B 267 0.75 -22.66 4.05
N PRO B 268 0.98 -23.38 5.17
CA PRO B 268 2.32 -23.55 5.74
C PRO B 268 3.33 -24.17 4.79
N ILE B 269 4.55 -23.66 4.84
CA ILE B 269 5.67 -24.21 4.09
C ILE B 269 5.88 -25.65 4.62
N PRO B 270 5.94 -26.66 3.73
CA PRO B 270 6.16 -28.05 4.22
C PRO B 270 7.40 -28.15 5.09
N SER B 271 7.30 -28.87 6.23
CA SER B 271 8.40 -28.88 7.21
C SER B 271 9.71 -29.52 6.66
N HIS B 272 9.63 -30.41 5.66
CA HIS B 272 10.88 -30.97 5.10
C HIS B 272 11.78 -29.91 4.43
N MET B 273 11.19 -28.94 3.77
CA MET B 273 11.93 -27.84 3.15
C MET B 273 12.55 -26.92 4.21
N ILE B 274 11.89 -26.78 5.35
CA ILE B 274 12.40 -25.97 6.44
C ILE B 274 13.59 -26.65 7.14
N HIS B 275 13.54 -27.96 7.32
CA HIS B 275 14.69 -28.71 7.87
C HIS B 275 15.90 -28.73 6.93
N ARG B 276 15.64 -28.64 5.63
CA ARG B 276 16.71 -28.72 4.64
C ARG B 276 17.45 -27.41 4.41
N THR B 277 16.74 -26.27 4.49
CA THR B 277 17.31 -25.00 4.08
C THR B 277 18.38 -24.57 5.04
N ARG B 278 19.42 -23.94 4.50
CA ARG B 278 20.41 -23.20 5.29
CA ARG B 278 20.38 -23.22 5.35
C ARG B 278 19.91 -21.77 5.71
N LYS B 279 18.68 -21.40 5.37
CA LYS B 279 18.17 -20.06 5.70
C LYS B 279 17.29 -20.13 6.94
N GLN B 280 17.92 -20.49 8.06
CA GLN B 280 17.20 -20.69 9.31
C GLN B 280 16.83 -19.38 10.04
N LYS B 281 17.45 -18.25 9.67
CA LYS B 281 17.03 -16.93 10.23
C LYS B 281 15.55 -16.59 10.03
N TYR B 282 14.95 -17.12 8.95
CA TYR B 282 13.54 -16.95 8.69
C TYR B 282 12.63 -17.80 9.58
N PHE B 283 13.18 -18.69 10.42
CA PHE B 283 12.33 -19.57 11.25
C PHE B 283 12.76 -19.66 12.74
N TYR B 284 11.88 -20.30 13.52
CA TYR B 284 12.06 -20.56 14.95
C TYR B 284 11.10 -21.70 15.32
N LYS B 285 11.65 -22.82 15.80
CA LYS B 285 10.87 -24.05 16.04
C LYS B 285 9.99 -24.42 14.83
N GLY B 286 10.54 -24.33 13.63
CA GLY B 286 9.82 -24.75 12.42
C GLY B 286 8.66 -23.86 11.93
N GLY B 287 8.50 -22.68 12.54
CA GLY B 287 7.52 -21.69 12.06
C GLY B 287 8.20 -20.43 11.55
N LEU B 288 7.66 -19.84 10.48
CA LEU B 288 8.15 -18.55 10.00
C LEU B 288 8.14 -17.50 11.11
N VAL B 289 9.17 -16.66 11.18
CA VAL B 289 9.20 -15.57 12.17
C VAL B 289 9.12 -14.22 11.45
N TRP B 290 8.28 -13.35 12.00
CA TRP B 290 7.98 -12.06 11.36
CA TRP B 290 7.85 -12.12 11.31
C TRP B 290 7.23 -11.12 12.29
N ASP B 291 7.46 -9.83 12.07
CA ASP B 291 6.81 -8.76 12.84
C ASP B 291 5.50 -8.35 12.13
N GLU B 292 4.37 -8.71 12.74
CA GLU B 292 3.05 -8.36 12.19
C GLU B 292 2.74 -6.84 12.30
N ASN B 293 3.45 -6.13 13.18
CA ASN B 293 3.21 -4.74 13.43
C ASN B 293 4.03 -3.78 12.57
N SER B 294 5.09 -4.27 11.93
CA SER B 294 5.87 -3.47 10.97
C SER B 294 5.07 -3.15 9.73
N SER B 295 5.64 -2.32 8.86
CA SER B 295 4.94 -1.92 7.60
C SER B 295 4.70 -3.12 6.68
N ASP B 296 5.73 -3.91 6.46
CA ASP B 296 5.53 -5.07 5.62
C ASP B 296 4.48 -5.98 6.24
N GLY B 297 4.51 -6.10 7.57
CA GLY B 297 3.57 -6.94 8.28
C GLY B 297 2.14 -6.53 8.04
N ARG B 298 1.88 -5.25 8.26
CA ARG B 298 0.52 -4.71 8.13
C ARG B 298 0.03 -4.80 6.66
N TYR B 299 0.93 -4.52 5.71
CA TYR B 299 0.67 -4.68 4.27
C TYR B 299 0.18 -6.11 3.88
N VAL B 300 0.91 -7.10 4.39
CA VAL B 300 0.64 -8.53 4.13
C VAL B 300 -0.67 -8.98 4.78
N LYS B 301 -0.85 -8.57 6.02
CA LYS B 301 -2.11 -8.82 6.71
C LYS B 301 -3.33 -8.14 6.01
N GLU B 302 -3.15 -6.93 5.50
CA GLU B 302 -4.27 -6.26 4.83
C GLU B 302 -4.59 -6.86 3.47
N ASN B 303 -3.55 -7.33 2.77
CA ASN B 303 -3.62 -7.52 1.30
C ASN B 303 -3.53 -9.00 0.80
N CYS B 304 -3.02 -9.92 1.62
CA CYS B 304 -2.73 -11.32 1.19
C CYS B 304 -3.68 -12.23 1.91
N LYS B 305 -4.54 -12.90 1.16
CA LYS B 305 -5.55 -13.77 1.70
C LYS B 305 -5.37 -15.15 1.06
N PRO B 306 -6.14 -16.14 1.52
CA PRO B 306 -5.91 -17.47 0.91
C PRO B 306 -6.34 -17.54 -0.56
N LEU B 307 -5.58 -18.32 -1.34
CA LEU B 307 -5.73 -18.39 -2.79
C LEU B 307 -7.18 -18.38 -3.27
N LYS B 308 -8.01 -19.24 -2.70
CA LYS B 308 -9.36 -19.41 -3.24
C LYS B 308 -10.21 -18.18 -3.10
N SER B 309 -9.91 -17.35 -2.11
CA SER B 309 -10.70 -16.17 -1.87
C SER B 309 -10.59 -15.16 -3.01
N TYR B 310 -9.65 -15.34 -3.95
CA TYR B 310 -9.54 -14.44 -5.10
C TYR B 310 -10.34 -14.86 -6.33
N MET B 311 -11.10 -15.96 -6.25
CA MET B 311 -11.94 -16.35 -7.37
C MET B 311 -13.00 -15.28 -7.58
N LEU B 312 -13.24 -14.93 -8.85
CA LEU B 312 -14.24 -13.95 -9.24
C LEU B 312 -15.62 -14.58 -9.49
N GLN B 313 -15.66 -15.85 -9.94
CA GLN B 313 -16.93 -16.60 -10.13
C GLN B 313 -16.86 -17.97 -9.51
N ASP B 314 -18.02 -18.61 -9.36
CA ASP B 314 -18.18 -19.95 -8.75
C ASP B 314 -18.21 -21.07 -9.75
N SER B 315 -18.31 -20.73 -11.04
CA SER B 315 -18.56 -21.75 -12.07
C SER B 315 -17.37 -22.72 -12.23
N LEU B 316 -17.60 -23.80 -12.96
CA LEU B 316 -16.64 -24.90 -13.05
C LEU B 316 -15.29 -24.40 -13.59
N GLU B 317 -15.31 -23.82 -14.78
CA GLU B 317 -14.09 -23.31 -15.42
C GLU B 317 -13.22 -22.46 -14.49
N HIS B 318 -13.85 -21.69 -13.59
CA HIS B 318 -13.11 -20.90 -12.59
C HIS B 318 -12.51 -21.80 -11.52
N VAL B 319 -13.29 -22.76 -11.03
CA VAL B 319 -12.81 -23.72 -9.99
C VAL B 319 -11.61 -24.54 -10.54
N GLN B 320 -11.66 -24.86 -11.83
CA GLN B 320 -10.61 -25.60 -12.50
C GLN B 320 -9.35 -24.78 -12.63
N LEU B 321 -9.50 -23.49 -12.96
CA LEU B 321 -8.34 -22.59 -13.05
C LEU B 321 -7.62 -22.55 -11.71
N PHE B 322 -8.39 -22.46 -10.65
CA PHE B 322 -7.81 -22.35 -9.33
C PHE B 322 -7.16 -23.65 -8.84
N ASP B 323 -7.70 -24.78 -9.27
CA ASP B 323 -7.07 -26.06 -8.97
C ASP B 323 -5.70 -26.16 -9.71
N LEU B 324 -5.68 -25.79 -10.98
CA LEU B 324 -4.44 -25.79 -11.74
C LEU B 324 -3.41 -24.87 -11.12
N MET B 325 -3.85 -23.67 -10.77
CA MET B 325 -2.96 -22.67 -10.17
C MET B 325 -2.36 -23.17 -8.88
N ARG B 326 -3.24 -23.64 -8.01
CA ARG B 326 -2.87 -24.31 -6.75
C ARG B 326 -1.79 -25.36 -6.98
N ARG B 327 -1.95 -26.16 -8.04
CA ARG B 327 -1.00 -27.23 -8.36
C ARG B 327 0.30 -26.68 -8.95
N MET B 328 0.22 -25.56 -9.68
CA MET B 328 1.45 -24.90 -10.13
C MET B 328 2.18 -24.21 -8.99
N LEU B 329 1.48 -23.92 -7.89
CA LEU B 329 2.07 -23.17 -6.78
C LEU B 329 2.33 -24.05 -5.56
N GLU B 330 2.51 -25.34 -5.80
CA GLU B 330 2.92 -26.29 -4.76
CA GLU B 330 2.91 -26.27 -4.76
C GLU B 330 4.29 -25.88 -4.27
N PHE B 331 4.44 -25.81 -2.95
CA PHE B 331 5.72 -25.44 -2.36
C PHE B 331 6.87 -26.35 -2.80
N ASP B 332 6.63 -27.65 -2.71
CA ASP B 332 7.67 -28.68 -2.94
C ASP B 332 7.83 -28.83 -4.44
N PRO B 333 8.98 -28.42 -4.97
CA PRO B 333 9.17 -28.51 -6.43
C PRO B 333 9.09 -29.98 -6.99
N ALA B 334 9.35 -30.94 -6.12
CA ALA B 334 9.25 -32.36 -6.52
C ALA B 334 7.78 -32.78 -6.68
N GLN B 335 6.87 -32.20 -5.90
CA GLN B 335 5.45 -32.54 -6.02
C GLN B 335 4.69 -31.55 -6.94
N ARG B 336 5.34 -30.47 -7.37
CA ARG B 336 4.69 -29.51 -8.25
C ARG B 336 4.34 -30.14 -9.58
N ILE B 337 3.17 -29.75 -10.12
CA ILE B 337 2.71 -30.24 -11.40
C ILE B 337 3.72 -29.85 -12.47
N THR B 338 3.92 -30.76 -13.42
CA THR B 338 4.78 -30.50 -14.56
C THR B 338 3.93 -29.92 -15.63
N LEU B 339 4.55 -29.31 -16.61
CA LEU B 339 3.80 -28.79 -17.73
C LEU B 339 3.13 -29.88 -18.59
N ALA B 340 3.81 -31.00 -18.83
CA ALA B 340 3.16 -32.13 -19.50
C ALA B 340 1.87 -32.55 -18.82
N GLU B 341 1.89 -32.65 -17.50
CA GLU B 341 0.68 -32.94 -16.71
C GLU B 341 -0.35 -31.79 -16.79
N ALA B 342 0.14 -30.55 -16.68
CA ALA B 342 -0.70 -29.37 -16.77
C ALA B 342 -1.54 -29.35 -18.04
N LEU B 343 -0.92 -29.66 -19.17
CA LEU B 343 -1.60 -29.75 -20.46
C LEU B 343 -2.76 -30.75 -20.50
N LEU B 344 -2.76 -31.74 -19.59
CA LEU B 344 -3.90 -32.67 -19.48
C LEU B 344 -4.95 -32.27 -18.41
N HIS B 345 -4.79 -31.12 -17.77
CA HIS B 345 -5.70 -30.71 -16.70
C HIS B 345 -7.10 -30.43 -17.28
N PRO B 346 -8.15 -30.84 -16.57
CA PRO B 346 -9.49 -30.65 -17.16
C PRO B 346 -9.84 -29.18 -17.54
N PHE B 347 -9.21 -28.18 -16.90
CA PHE B 347 -9.33 -26.74 -17.28
C PHE B 347 -9.23 -26.47 -18.78
N PHE B 348 -8.37 -27.20 -19.48
CA PHE B 348 -8.19 -27.02 -20.92
C PHE B 348 -9.25 -27.68 -21.81
N ALA B 349 -10.20 -28.38 -21.19
CA ALA B 349 -11.43 -28.82 -21.89
C ALA B 349 -12.18 -27.64 -22.56
N GLY B 350 -12.16 -26.46 -21.92
CA GLY B 350 -12.87 -25.29 -22.41
C GLY B 350 -12.28 -24.59 -23.63
N LEU B 351 -11.10 -25.02 -24.08
CA LEU B 351 -10.50 -24.43 -25.28
C LEU B 351 -11.39 -24.67 -26.47
N THR B 352 -11.44 -23.71 -27.39
CA THR B 352 -12.07 -23.94 -28.68
C THR B 352 -11.15 -24.89 -29.46
N PRO B 353 -11.70 -25.70 -30.38
CA PRO B 353 -10.84 -26.55 -31.23
C PRO B 353 -9.69 -25.78 -31.91
N GLU B 354 -9.98 -24.56 -32.35
CA GLU B 354 -8.99 -23.69 -33.00
C GLU B 354 -7.82 -23.35 -32.03
N GLU B 355 -8.18 -23.00 -30.79
CA GLU B 355 -7.18 -22.72 -29.76
C GLU B 355 -6.30 -23.95 -29.48
N ARG B 356 -6.95 -25.13 -29.38
CA ARG B 356 -6.25 -26.39 -29.03
C ARG B 356 -5.25 -26.84 -30.09
N SER B 357 -5.58 -26.59 -31.36
CA SER B 357 -4.74 -27.02 -32.48
C SER B 357 -3.79 -25.90 -33.00
N PHE B 358 -3.80 -24.72 -32.37
CA PHE B 358 -2.94 -23.59 -32.78
C PHE B 358 -3.24 -23.04 -34.20
N HIS B 359 -4.51 -23.08 -34.61
CA HIS B 359 -4.95 -22.35 -35.82
C HIS B 359 -5.74 -21.07 -35.39
N THR B 360 -5.03 -20.14 -34.73
CA THR B 360 -5.50 -18.75 -34.45
C THR B 360 -4.38 -17.75 -34.81
C1 JWN C . -20.56 25.48 28.31
C2 JWN C . -19.96 26.54 29.19
C3 JWN C . -17.80 26.28 30.28
C4 JWN C . -16.81 25.59 31.25
C5 JWN C . -15.45 26.30 31.17
C6 JWN C . -17.33 25.70 32.70
C7 JWN C . -16.67 24.15 30.71
C8 JWN C . -16.64 23.90 29.34
C9 JWN C . -16.54 22.61 28.85
C10 JWN C . -16.48 21.52 29.71
C11 JWN C . -16.44 20.13 29.16
C12 JWN C . -15.46 17.88 29.53
C13 JWN C . -15.92 17.18 28.45
C15 JWN C . -14.74 13.72 27.97
C17 JWN C . -14.28 11.31 27.43
N1 JWN C . -19.11 25.90 30.22
O1 JWN C . -17.34 27.10 29.52
C26 JWN C . -19.90 24.96 31.02
C27 JWN C . -20.55 23.92 30.12
N JWN C . -21.39 24.55 29.10
C JWN C . -22.00 23.55 28.23
C25 JWN C . -16.58 23.06 31.57
C24 JWN C . -16.51 21.77 31.09
O JWN C . -17.04 19.85 28.14
N2 JWN C . -15.69 19.22 29.86
N5 JWN C . -14.64 17.12 30.31
C23 JWN C . -14.58 15.94 29.71
N3 JWN C . -15.35 15.94 28.56
C22 JWN C . -13.86 14.77 30.02
C21 JWN C . -13.95 13.70 29.18
C14 JWN C . -15.44 14.86 27.72
C16 JWN C . -14.74 12.56 27.03
C20 JWN C . -15.22 12.68 25.73
C19 JWN C . -15.25 11.57 24.91
N4 JWN C . -14.82 10.36 25.29
C18 JWN C . -14.34 10.25 26.53
C1 EDO D . 0.07 18.01 33.14
O1 EDO D . -0.58 19.14 33.79
C2 EDO D . 0.45 18.34 31.69
O2 EDO D . 1.50 19.33 31.56
C1 EDO E . -32.48 9.12 33.86
O1 EDO E . -33.26 8.76 35.00
C2 EDO E . -32.95 8.30 32.68
O2 EDO E . -33.83 9.08 31.86
C1 EDO F . -1.39 33.17 16.39
O1 EDO F . -0.49 33.64 15.37
C2 EDO F . -1.40 34.09 17.60
O2 EDO F . -2.42 35.11 17.42
C1 EDO G . 0.05 -9.99 17.19
O1 EDO G . -1.15 -10.74 16.94
C2 EDO G . 0.23 -8.93 16.09
O2 EDO G . 1.40 -8.12 16.34
C1 EDO H . -3.32 -8.94 14.11
O1 EDO H . -2.91 -7.62 14.49
C2 EDO H . -4.62 -8.86 13.33
O2 EDO H . -5.55 -9.85 13.76
C1 EDO I . 12.66 10.12 10.66
O1 EDO I . 13.04 10.83 11.87
C2 EDO I . 11.68 10.93 9.82
O2 EDO I . 12.04 12.31 9.83
C1 JWN J . 5.07 2.00 -31.11
C2 JWN J . 4.06 1.17 -31.88
C3 JWN J . 1.88 0.05 -31.11
C4 JWN J . 2.03 -1.18 -32.02
C5 JWN J . 0.75 -2.04 -32.00
C6 JWN J . 2.28 -0.75 -33.47
C7 JWN J . 3.16 -2.04 -31.42
C8 JWN J . 4.06 -2.72 -32.24
C9 JWN J . 5.12 -3.43 -31.72
C10 JWN J . 5.31 -3.51 -30.35
C11 JWN J . 6.49 -4.21 -29.76
C12 JWN J . 7.96 -6.20 -30.03
C13 JWN J . 8.78 -6.07 -28.95
C15 JWN J . 11.15 -8.81 -28.26
C17 JWN J . 13.07 -10.31 -27.63
N1 JWN J . 2.81 1.04 -31.10
O1 JWN J . 0.91 0.09 -30.38
C26 JWN J . 2.57 2.23 -30.27
C27 JWN J . 3.66 2.37 -29.21
N JWN J . 4.93 1.80 -29.67
C JWN J . 6.07 2.40 -28.94
C25 JWN J . 3.35 -2.14 -30.05
C24 JWN J . 4.41 -2.85 -29.52
O JWN J . 7.07 -3.75 -28.77
N2 JWN J . 6.90 -5.38 -30.38
N5 JWN J . 8.20 -7.34 -30.75
C23 JWN J . 9.19 -7.94 -30.10
N3 JWN J . 9.56 -7.19 -28.98
C22 JWN J . 9.83 -9.17 -30.32
C21 JWN J . 10.78 -9.60 -29.43
C14 JWN J . 10.53 -7.61 -28.09
C16 JWN J . 12.15 -9.34 -27.27
C20 JWN J . 12.22 -8.81 -25.99
C19 JWN J . 13.22 -9.25 -25.14
N4 JWN J . 14.13 -10.16 -25.48
C18 JWN J . 14.03 -10.68 -26.71
C1 EDO K . 4.34 -13.62 15.12
O1 EDO K . 4.05 -13.92 13.74
C2 EDO K . 5.84 -13.78 15.41
O2 EDO K . 6.51 -14.48 14.33
C1 EDO L . 8.73 -4.74 -5.09
O1 EDO L . 8.54 -4.56 -6.49
C2 EDO L . 7.71 -3.94 -4.26
O2 EDO L . 6.42 -4.56 -4.26
C1 EDO M . 12.03 -20.07 -32.55
O1 EDO M . 12.17 -20.96 -33.67
C2 EDO M . 13.39 -19.75 -31.93
O2 EDO M . 13.93 -18.50 -32.41
C1 EDO N . -0.23 -30.36 -28.13
O1 EDO N . -0.83 -31.65 -28.32
C2 EDO N . -0.34 -29.95 -26.67
O2 EDO N . 0.74 -29.06 -26.34
#